data_6UTO
#
_entry.id   6UTO
#
_cell.length_a   77.273
_cell.length_b   186.709
_cell.length_c   122.132
_cell.angle_alpha   90.000
_cell.angle_beta   90.000
_cell.angle_gamma   90.000
#
_symmetry.space_group_name_H-M   'C 2 2 21'
#
loop_
_entity.id
_entity.type
_entity.pdbx_description
1 polymer 'Glyceraldehyde-3-phosphate dehydrogenase'
2 branched alpha-D-glucopyranose-(1-1)-alpha-D-glucopyranose
3 non-polymer 'SODIUM ION'
4 non-polymer SN-GLYCEROL-3-PHOSPHATE
5 non-polymer 'ACETATE ION'
6 water water
#
_entity_poly.entity_id   1
_entity_poly.type   'polypeptide(L)'
_entity_poly.pdbx_seq_one_letter_code
;TIKVGINGFGRIGRIVFRAAQKRSDIEIVAINDLLDADY(MSE)AY(MSE)LKYDSTHGRFDGTVEVKDGHLIVNGKKIR
VTAERDPANLKWDEVGVDVVAEATGLFLTDETARKHITAGAKKVV(MSE)TGPSKDNTP(MSE)FVKGANFDKYAGQDIV
SNASCTTNCLAPLAKVINDNFGIIEGL(MSE)TTVHATTATQKTVDGPSHKDWRGGRGASQNIIPSSTGAAKAVGKVLPE
LNGKLTG(MSE)AFRVPTPNVSVVDLTVRLEKAATYEQIKAAVKAAAEGE(MSE)KGVLGYTEDDVVSTDFNGEVCTSVF
DAKAGIALNDNFVKLVSWYDNETGYSNKVLDLIAHISK
;
_entity_poly.pdbx_strand_id   A,B
#
loop_
_chem_comp.id
_chem_comp.type
_chem_comp.name
_chem_comp.formula
ACT non-polymer 'ACETATE ION' 'C2 H3 O2 -1'
G3P non-polymer SN-GLYCEROL-3-PHOSPHATE 'C3 H9 O6 P'
GLC D-saccharide, alpha linking alpha-D-glucopyranose 'C6 H12 O6'
NA non-polymer 'SODIUM ION' 'Na 1'
#
# COMPACT_ATOMS: atom_id res chain seq x y z
N THR A 1 31.15 -0.05 9.69
CA THR A 1 30.03 0.53 8.96
C THR A 1 30.49 1.23 7.70
N ILE A 2 29.89 0.87 6.57
CA ILE A 2 30.18 1.51 5.29
C ILE A 2 29.39 2.81 5.22
N LYS A 3 30.09 3.93 5.05
CA LYS A 3 29.43 5.23 4.93
C LYS A 3 29.08 5.50 3.47
N VAL A 4 27.83 5.83 3.21
CA VAL A 4 27.34 5.97 1.85
C VAL A 4 26.79 7.38 1.65
N GLY A 5 27.14 7.98 0.52
CA GLY A 5 26.52 9.22 0.05
C GLY A 5 25.59 8.88 -1.12
N ILE A 6 24.40 9.46 -1.10
CA ILE A 6 23.47 9.24 -2.20
C ILE A 6 23.49 10.48 -3.08
N ASN A 7 23.77 10.30 -4.37
CA ASN A 7 23.65 11.39 -5.33
C ASN A 7 22.38 11.15 -6.14
N GLY A 8 21.36 12.01 -5.93
CA GLY A 8 20.08 11.87 -6.58
C GLY A 8 19.03 11.27 -5.65
N PHE A 9 17.98 12.03 -5.35
CA PHE A 9 16.94 11.59 -4.42
C PHE A 9 15.62 11.34 -5.15
N GLY A 10 15.69 10.70 -6.32
CA GLY A 10 14.52 10.19 -7.00
C GLY A 10 14.08 8.87 -6.39
N ARG A 11 13.25 8.13 -7.13
CA ARG A 11 12.66 6.90 -6.57
C ARG A 11 13.75 5.96 -6.04
N ILE A 12 14.79 5.69 -6.83
CA ILE A 12 15.80 4.75 -6.37
C ILE A 12 16.55 5.32 -5.17
N GLY A 13 16.97 6.59 -5.25
CA GLY A 13 17.66 7.20 -4.13
C GLY A 13 16.86 7.11 -2.84
N ARG A 14 15.55 7.37 -2.91
CA ARG A 14 14.74 7.39 -1.69
C ARG A 14 14.47 5.98 -1.16
N ILE A 15 14.33 4.99 -2.05
CA ILE A 15 14.07 3.64 -1.55
C ILE A 15 15.37 2.97 -1.10
N VAL A 16 16.51 3.29 -1.75
CA VAL A 16 17.80 2.91 -1.18
C VAL A 16 17.96 3.48 0.23
N PHE A 17 17.60 4.75 0.41
CA PHE A 17 17.70 5.35 1.74
C PHE A 17 16.87 4.56 2.75
N ARG A 18 15.61 4.26 2.42
CA ARG A 18 14.77 3.53 3.36
C ARG A 18 15.34 2.14 3.66
N ALA A 19 15.80 1.44 2.63
CA ALA A 19 16.34 0.09 2.83
C ALA A 19 17.61 0.12 3.66
N ALA A 20 18.41 1.18 3.56
CA ALA A 20 19.64 1.26 4.34
C ALA A 20 19.34 1.37 5.83
N GLN A 21 18.16 1.87 6.19
CA GLN A 21 17.84 1.99 7.61
C GLN A 21 17.78 0.63 8.30
N LYS A 22 17.45 -0.43 7.56
CA LYS A 22 17.29 -1.77 8.12
C LYS A 22 18.58 -2.58 8.12
N ARG A 23 19.69 -2.03 7.64
CA ARG A 23 20.96 -2.74 7.57
C ARG A 23 21.94 -2.14 8.55
N SER A 24 22.64 -2.97 9.32
CA SER A 24 23.59 -2.43 10.28
C SER A 24 24.95 -2.14 9.65
N ASP A 25 25.26 -2.75 8.50
CA ASP A 25 26.58 -2.60 7.88
C ASP A 25 26.72 -1.36 7.01
N ILE A 26 25.62 -0.66 6.71
CA ILE A 26 25.64 0.49 5.81
C ILE A 26 24.89 1.64 6.47
N GLU A 27 25.46 2.83 6.43
CA GLU A 27 24.85 4.02 7.00
C GLU A 27 24.91 5.13 5.97
N ILE A 28 23.75 5.73 5.65
CA ILE A 28 23.72 6.90 4.77
C ILE A 28 24.12 8.11 5.59
N VAL A 29 25.13 8.85 5.12
CA VAL A 29 25.59 10.03 5.85
C VAL A 29 25.39 11.32 5.06
N ALA A 30 24.94 11.26 3.81
CA ALA A 30 24.85 12.46 3.01
C ALA A 30 23.98 12.20 1.79
N ILE A 31 23.24 13.22 1.39
CA ILE A 31 22.41 13.19 0.20
C ILE A 31 22.67 14.46 -0.60
N ASN A 32 22.81 14.32 -1.92
CA ASN A 32 22.97 15.48 -2.80
C ASN A 32 21.86 15.48 -3.85
N ASP A 33 21.12 16.59 -3.94
CA ASP A 33 20.15 16.77 -5.02
C ASP A 33 19.73 18.22 -5.01
N LEU A 34 19.08 18.64 -6.10
CA LEU A 34 18.60 20.02 -6.19
C LEU A 34 17.20 20.13 -5.58
N LEU A 35 17.15 19.80 -4.30
CA LEU A 35 15.94 19.89 -3.50
C LEU A 35 16.32 20.48 -2.16
N ASP A 36 15.51 21.41 -1.66
CA ASP A 36 15.70 21.91 -0.30
C ASP A 36 15.53 20.77 0.70
N ALA A 37 16.20 20.90 1.84
CA ALA A 37 16.11 19.85 2.86
C ALA A 37 14.67 19.63 3.32
N ASP A 38 13.88 20.70 3.45
CA ASP A 38 12.52 20.46 3.92
C ASP A 38 11.71 19.70 2.88
N TYR A 39 11.98 19.92 1.60
CA TYR A 39 11.30 19.13 0.58
C TYR A 39 11.83 17.69 0.54
N MSE A 40 13.15 17.49 0.70
CA MSE A 40 13.67 16.11 0.83
C MSE A 40 12.98 15.36 1.95
O MSE A 40 12.59 14.22 1.79
CB MSE A 40 15.18 16.09 1.09
CG MSE A 40 15.96 16.36 -0.12
SE MSE A 40 17.84 16.04 0.43
CE MSE A 40 18.67 16.93 -1.09
N ALA A 41 12.83 16.04 3.09
CA ALA A 41 12.17 15.44 4.25
C ALA A 41 10.75 15.03 3.92
N TYR A 42 10.01 15.90 3.22
CA TYR A 42 8.65 15.55 2.82
C TYR A 42 8.61 14.32 1.92
N MSE A 43 9.50 14.25 0.94
CA MSE A 43 9.53 13.11 0.01
C MSE A 43 9.92 11.81 0.68
O MSE A 43 9.43 10.75 0.30
CB MSE A 43 10.51 13.43 -1.14
CG MSE A 43 10.06 14.63 -1.98
SE MSE A 43 11.23 14.85 -3.54
CE MSE A 43 10.04 14.04 -4.85
N LEU A 44 10.79 11.89 1.67
CA LEU A 44 11.15 10.72 2.49
C LEU A 44 10.00 10.29 3.39
N LYS A 45 9.32 11.27 4.02
CA LYS A 45 8.31 10.96 5.03
C LYS A 45 7.11 10.27 4.41
N TYR A 46 6.68 10.73 3.24
CA TYR A 46 5.43 10.26 2.64
C TYR A 46 5.72 9.61 1.29
N ASP A 47 5.21 8.40 1.10
CA ASP A 47 5.41 7.68 -0.15
C ASP A 47 4.10 7.03 -0.57
N SER A 48 3.64 7.35 -1.78
CA SER A 48 2.36 6.81 -2.21
C SER A 48 2.39 5.29 -2.32
N THR A 49 3.53 4.72 -2.70
CA THR A 49 3.63 3.29 -2.93
C THR A 49 4.00 2.52 -1.66
N HIS A 50 4.91 3.06 -0.87
CA HIS A 50 5.50 2.32 0.25
C HIS A 50 5.09 2.85 1.61
N GLY A 51 4.20 3.83 1.66
CA GLY A 51 3.69 4.26 2.94
C GLY A 51 4.63 5.19 3.67
N ARG A 52 4.26 5.48 4.91
CA ARG A 52 5.02 6.46 5.69
C ARG A 52 6.36 5.90 6.12
N PHE A 53 7.35 6.79 6.18
CA PHE A 53 8.68 6.43 6.65
C PHE A 53 8.61 5.89 8.07
N ASP A 54 9.34 4.79 8.30
CA ASP A 54 9.35 4.17 9.62
C ASP A 54 10.48 4.79 10.45
N GLY A 55 10.19 5.91 11.08
CA GLY A 55 11.20 6.63 11.83
C GLY A 55 10.86 8.11 11.90
N THR A 56 11.82 8.87 12.41
CA THR A 56 11.67 10.30 12.59
C THR A 56 12.51 11.05 11.57
N VAL A 57 11.96 12.14 11.05
CA VAL A 57 12.60 13.00 10.07
C VAL A 57 12.42 14.43 10.53
N GLU A 58 13.53 15.12 10.78
CA GLU A 58 13.50 16.53 11.15
C GLU A 58 14.48 17.28 10.26
N VAL A 59 14.24 18.57 10.08
CA VAL A 59 15.16 19.45 9.38
C VAL A 59 15.78 20.38 10.42
N LYS A 60 17.11 20.47 10.42
CA LYS A 60 17.82 21.32 11.37
C LYS A 60 19.00 21.92 10.64
N ASP A 61 19.00 23.25 10.53
CA ASP A 61 20.13 24.00 9.96
C ASP A 61 20.40 23.60 8.52
N GLY A 62 19.32 23.40 7.75
CA GLY A 62 19.42 23.03 6.37
C GLY A 62 19.81 21.60 6.09
N HIS A 63 19.94 20.77 7.11
CA HIS A 63 20.27 19.36 6.95
C HIS A 63 19.16 18.49 7.53
N LEU A 64 19.21 17.21 7.20
CA LEU A 64 18.22 16.25 7.67
C LEU A 64 18.72 15.58 8.94
N ILE A 65 17.80 15.36 9.88
CA ILE A 65 18.05 14.55 11.05
C ILE A 65 17.10 13.37 10.97
N VAL A 66 17.62 12.18 10.69
CA VAL A 66 16.79 11.01 10.44
C VAL A 66 17.10 9.99 11.51
N ASN A 67 16.08 9.61 12.29
CA ASN A 67 16.27 8.73 13.43
C ASN A 67 17.39 9.25 14.32
N GLY A 68 17.41 10.58 14.50
CA GLY A 68 18.37 11.22 15.36
C GLY A 68 19.74 11.45 14.77
N LYS A 69 20.04 10.91 13.58
CA LYS A 69 21.34 11.04 12.96
C LYS A 69 21.35 12.15 11.90
N LYS A 70 22.42 12.95 11.87
CA LYS A 70 22.51 14.03 10.90
C LYS A 70 22.92 13.48 9.54
N ILE A 71 22.18 13.88 8.50
CA ILE A 71 22.49 13.57 7.10
C ILE A 71 22.86 14.88 6.43
N ARG A 72 24.10 15.00 5.93
CA ARG A 72 24.50 16.22 5.24
C ARG A 72 23.76 16.37 3.92
N VAL A 73 23.13 17.53 3.72
CA VAL A 73 22.38 17.84 2.51
C VAL A 73 23.15 18.87 1.71
N THR A 74 23.33 18.60 0.41
CA THR A 74 23.98 19.53 -0.51
C THR A 74 23.18 19.56 -1.81
N ALA A 75 23.44 20.58 -2.62
CA ALA A 75 22.75 20.77 -3.90
C ALA A 75 23.76 21.14 -4.98
N GLU A 76 24.77 20.29 -5.16
CA GLU A 76 25.84 20.53 -6.14
C GLU A 76 25.48 19.89 -7.48
N ARG A 77 25.59 20.68 -8.56
CA ARG A 77 25.38 20.12 -9.88
C ARG A 77 26.59 19.36 -10.38
N ASP A 78 27.79 19.73 -9.95
CA ASP A 78 29.02 19.12 -10.41
C ASP A 78 29.54 18.17 -9.34
N PRO A 79 29.56 16.86 -9.57
CA PRO A 79 29.98 15.93 -8.51
C PRO A 79 31.40 16.14 -8.03
N ALA A 80 32.25 16.79 -8.82
CA ALA A 80 33.61 17.05 -8.36
C ALA A 80 33.65 17.96 -7.15
N ASN A 81 32.58 18.72 -6.90
CA ASN A 81 32.52 19.64 -5.76
C ASN A 81 31.81 19.04 -4.56
N LEU A 82 31.59 17.73 -4.54
CA LEU A 82 30.74 17.16 -3.51
C LEU A 82 31.43 16.99 -2.17
N LYS A 83 32.76 17.12 -2.10
CA LYS A 83 33.47 17.06 -0.82
C LYS A 83 33.07 15.83 -0.01
N TRP A 84 33.00 14.68 -0.68
CA TRP A 84 32.55 13.47 0.02
C TRP A 84 33.46 13.13 1.18
N ASP A 85 34.75 13.49 1.10
CA ASP A 85 35.68 13.15 2.15
C ASP A 85 35.35 13.85 3.46
N GLU A 86 34.67 15.01 3.39
CA GLU A 86 34.32 15.75 4.59
C GLU A 86 33.29 15.04 5.45
N VAL A 87 32.53 14.11 4.89
CA VAL A 87 31.60 13.30 5.67
C VAL A 87 32.01 11.83 5.70
N GLY A 88 33.27 11.55 5.34
CA GLY A 88 33.80 10.20 5.44
C GLY A 88 33.12 9.19 4.56
N VAL A 89 32.59 9.61 3.41
CA VAL A 89 31.87 8.70 2.53
C VAL A 89 32.84 7.69 1.93
N ASP A 90 32.51 6.41 2.05
CA ASP A 90 33.21 5.30 1.42
C ASP A 90 32.72 5.05 -0.01
N VAL A 91 31.41 4.86 -0.18
CA VAL A 91 30.83 4.49 -1.46
C VAL A 91 29.71 5.47 -1.78
N VAL A 92 29.65 5.90 -3.04
CA VAL A 92 28.55 6.76 -3.51
C VAL A 92 27.51 5.90 -4.24
N ALA A 93 26.25 6.03 -3.86
CA ALA A 93 25.17 5.49 -4.68
C ALA A 93 24.82 6.56 -5.70
N GLU A 94 25.24 6.35 -6.94
CA GLU A 94 25.09 7.35 -8.00
C GLU A 94 23.76 7.09 -8.68
N ALA A 95 22.76 7.89 -8.29
CA ALA A 95 21.35 7.61 -8.57
C ALA A 95 20.67 8.73 -9.35
N THR A 96 21.43 9.57 -10.05
CA THR A 96 20.83 10.68 -10.80
C THR A 96 20.47 10.29 -12.22
N GLY A 97 20.99 9.18 -12.73
CA GLY A 97 20.88 8.81 -14.12
C GLY A 97 21.75 9.59 -15.07
N LEU A 98 22.55 10.55 -14.59
CA LEU A 98 23.31 11.46 -15.43
C LEU A 98 24.79 11.08 -15.56
N PHE A 99 25.29 10.16 -14.72
CA PHE A 99 26.73 9.92 -14.62
C PHE A 99 26.97 8.41 -14.74
N LEU A 100 26.67 7.86 -15.91
CA LEU A 100 26.69 6.43 -16.13
C LEU A 100 27.90 6.02 -16.98
N THR A 101 28.97 6.81 -16.92
CA THR A 101 30.24 6.45 -17.56
C THR A 101 31.37 6.61 -16.55
N ASP A 102 32.49 5.96 -16.84
CA ASP A 102 33.63 6.06 -15.93
C ASP A 102 34.03 7.52 -15.72
N GLU A 103 34.13 8.29 -16.81
CA GLU A 103 34.69 9.63 -16.68
C GLU A 103 33.79 10.52 -15.81
N THR A 104 32.47 10.38 -15.95
CA THR A 104 31.57 11.20 -15.14
C THR A 104 31.48 10.70 -13.70
N ALA A 105 31.31 9.39 -13.51
CA ALA A 105 31.17 8.86 -12.16
C ALA A 105 32.46 8.99 -11.37
N ARG A 106 33.62 8.97 -12.04
CA ARG A 106 34.88 9.06 -11.33
C ARG A 106 35.08 10.43 -10.69
N LYS A 107 34.29 11.45 -11.08
CA LYS A 107 34.36 12.72 -10.37
C LYS A 107 34.06 12.54 -8.88
N HIS A 108 33.25 11.55 -8.51
CA HIS A 108 33.00 11.28 -7.10
C HIS A 108 34.26 10.86 -6.37
N ILE A 109 35.15 10.14 -7.06
CA ILE A 109 36.38 9.71 -6.41
C ILE A 109 37.32 10.89 -6.28
N THR A 110 37.39 11.74 -7.31
CA THR A 110 38.11 13.00 -7.18
C THR A 110 37.57 13.83 -6.02
N ALA A 111 36.26 13.76 -5.77
CA ALA A 111 35.64 14.48 -4.66
C ALA A 111 35.77 13.76 -3.32
N GLY A 112 36.48 12.64 -3.25
CA GLY A 112 36.86 12.03 -1.99
C GLY A 112 36.24 10.69 -1.68
N ALA A 113 35.28 10.22 -2.46
CA ALA A 113 34.73 8.88 -2.25
C ALA A 113 35.74 7.84 -2.68
N LYS A 114 35.61 6.63 -2.13
CA LYS A 114 36.50 5.54 -2.53
C LYS A 114 35.95 4.71 -3.69
N LYS A 115 34.64 4.50 -3.73
CA LYS A 115 34.00 3.68 -4.76
C LYS A 115 32.65 4.28 -5.13
N VAL A 116 32.14 3.88 -6.29
CA VAL A 116 30.85 4.34 -6.80
C VAL A 116 30.05 3.14 -7.27
N VAL A 117 28.77 3.10 -6.91
CA VAL A 117 27.83 2.15 -7.49
C VAL A 117 26.80 2.94 -8.29
N MSE A 118 26.79 2.74 -9.61
CA MSE A 118 25.74 3.33 -10.47
C MSE A 118 24.45 2.58 -10.29
O MSE A 118 24.45 1.33 -10.38
CB MSE A 118 26.13 3.25 -11.94
CG MSE A 118 27.39 3.99 -12.29
SE MSE A 118 27.88 3.47 -14.09
CE MSE A 118 29.44 4.58 -14.28
N THR A 119 23.35 3.29 -10.07
CA THR A 119 22.04 2.65 -9.93
C THR A 119 21.27 2.58 -11.24
N GLY A 120 21.98 2.29 -12.31
CA GLY A 120 21.42 2.03 -13.62
C GLY A 120 22.49 1.44 -14.49
N PRO A 121 22.11 0.91 -15.66
CA PRO A 121 23.11 0.29 -16.54
C PRO A 121 24.14 1.30 -17.04
N SER A 122 25.41 0.89 -17.04
CA SER A 122 26.42 1.82 -17.50
C SER A 122 26.27 2.08 -19.00
N LYS A 123 26.67 3.28 -19.42
CA LYS A 123 26.63 3.64 -20.83
C LYS A 123 27.96 3.40 -21.53
N ASP A 124 29.01 3.08 -20.79
CA ASP A 124 30.27 2.65 -21.37
C ASP A 124 30.54 1.23 -20.87
N ASN A 125 31.79 0.81 -20.81
CA ASN A 125 32.06 -0.56 -20.40
C ASN A 125 32.29 -0.70 -18.91
N THR A 126 31.87 0.28 -18.11
CA THR A 126 31.85 0.09 -16.67
C THR A 126 31.17 -1.24 -16.39
N PRO A 127 31.79 -2.13 -15.62
CA PRO A 127 31.23 -3.48 -15.45
C PRO A 127 29.96 -3.46 -14.63
N MSE A 128 29.01 -4.30 -15.06
CA MSE A 128 27.78 -4.49 -14.30
C MSE A 128 27.85 -5.78 -13.49
O MSE A 128 28.38 -6.77 -13.95
CB MSE A 128 26.57 -4.53 -15.24
CG MSE A 128 26.35 -3.21 -15.94
SE MSE A 128 24.78 -3.29 -17.06
CE MSE A 128 25.36 -4.51 -18.41
N PHE A 129 27.27 -5.74 -12.30
CA PHE A 129 27.18 -6.91 -11.44
C PHE A 129 25.76 -7.05 -10.96
N VAL A 130 25.25 -8.28 -11.02
CA VAL A 130 23.87 -8.58 -10.66
C VAL A 130 23.92 -9.77 -9.71
N LYS A 131 23.36 -9.61 -8.51
CA LYS A 131 23.43 -10.67 -7.53
C LYS A 131 22.63 -11.89 -8.01
N GLY A 132 23.20 -13.08 -7.87
CA GLY A 132 22.56 -14.23 -8.47
C GLY A 132 22.95 -14.45 -9.92
N ALA A 133 23.78 -13.59 -10.50
CA ALA A 133 24.31 -13.82 -11.82
C ALA A 133 25.83 -13.78 -11.84
N ASN A 134 26.43 -12.73 -11.28
CA ASN A 134 27.88 -12.60 -11.44
C ASN A 134 28.54 -11.78 -10.33
N PHE A 135 27.96 -11.63 -9.12
CA PHE A 135 28.71 -10.96 -8.06
C PHE A 135 30.07 -11.60 -7.85
N ASP A 136 30.18 -12.91 -8.03
CA ASP A 136 31.46 -13.54 -7.75
C ASP A 136 32.53 -13.21 -8.80
N LYS A 137 32.17 -12.53 -9.88
CA LYS A 137 33.18 -12.05 -10.83
C LYS A 137 33.78 -10.71 -10.44
N TYR A 138 33.22 -10.04 -9.43
CA TYR A 138 33.76 -8.76 -9.00
C TYR A 138 35.22 -8.93 -8.55
N ALA A 139 36.08 -8.04 -9.01
CA ALA A 139 37.52 -8.21 -8.82
C ALA A 139 38.20 -6.86 -8.53
N GLY A 140 37.60 -6.07 -7.64
CA GLY A 140 38.26 -4.91 -7.07
C GLY A 140 37.96 -3.57 -7.74
N GLN A 141 37.14 -3.55 -8.78
CA GLN A 141 36.85 -2.29 -9.48
C GLN A 141 36.26 -1.25 -8.52
N ASP A 142 36.66 0.01 -8.70
CA ASP A 142 36.13 1.06 -7.83
C ASP A 142 34.85 1.71 -8.37
N ILE A 143 34.48 1.47 -9.62
CA ILE A 143 33.23 1.98 -10.17
C ILE A 143 32.52 0.82 -10.83
N VAL A 144 31.28 0.58 -10.43
CA VAL A 144 30.50 -0.56 -10.92
C VAL A 144 29.07 -0.10 -11.11
N SER A 145 28.30 -0.93 -11.80
CA SER A 145 26.88 -0.67 -12.05
C SER A 145 26.09 -1.88 -11.58
N ASN A 146 24.91 -1.63 -11.00
CA ASN A 146 24.01 -2.71 -10.59
C ASN A 146 23.02 -3.10 -11.68
N ALA A 147 23.28 -2.71 -12.93
CA ALA A 147 22.37 -2.99 -14.08
C ALA A 147 21.03 -2.30 -13.78
N SER A 148 19.91 -2.95 -14.08
CA SER A 148 18.57 -2.36 -13.97
C SER A 148 17.68 -3.36 -13.25
N CYS A 149 16.48 -2.92 -12.86
CA CYS A 149 15.59 -3.83 -12.14
C CYS A 149 15.23 -5.04 -12.98
N THR A 150 14.92 -4.84 -14.26
CA THR A 150 14.48 -5.96 -15.07
C THR A 150 15.61 -6.94 -15.25
N THR A 151 16.83 -6.42 -15.39
CA THR A 151 17.97 -7.32 -15.50
C THR A 151 18.17 -8.13 -14.21
N ASN A 152 17.90 -7.50 -13.06
CA ASN A 152 18.00 -8.21 -11.78
C ASN A 152 16.92 -9.27 -11.62
N CYS A 153 15.80 -9.16 -12.34
CA CYS A 153 14.81 -10.24 -12.32
C CYS A 153 15.20 -11.33 -13.32
N LEU A 154 15.53 -10.95 -14.54
CA LEU A 154 15.75 -11.92 -15.61
C LEU A 154 17.03 -12.72 -15.38
N ALA A 155 18.12 -12.06 -14.98
CA ALA A 155 19.41 -12.76 -14.99
C ALA A 155 19.48 -13.91 -13.99
N PRO A 156 19.01 -13.76 -12.74
CA PRO A 156 19.09 -14.91 -11.82
C PRO A 156 18.26 -16.08 -12.31
N LEU A 157 17.08 -15.81 -12.88
CA LEU A 157 16.23 -16.87 -13.40
C LEU A 157 16.88 -17.54 -14.61
N ALA A 158 17.39 -16.73 -15.54
CA ALA A 158 18.04 -17.28 -16.72
C ALA A 158 19.25 -18.14 -16.34
N LYS A 159 19.98 -17.72 -15.30
CA LYS A 159 21.16 -18.50 -14.90
C LYS A 159 20.75 -19.88 -14.38
N VAL A 160 19.74 -19.96 -13.51
CA VAL A 160 19.35 -21.27 -12.99
CA VAL A 160 19.38 -21.29 -13.00
C VAL A 160 18.86 -22.17 -14.11
N ILE A 161 18.08 -21.61 -15.03
CA ILE A 161 17.53 -22.42 -16.12
C ILE A 161 18.64 -22.86 -17.07
N ASN A 162 19.53 -21.93 -17.44
CA ASN A 162 20.62 -22.29 -18.34
C ASN A 162 21.57 -23.30 -17.69
N ASP A 163 21.94 -23.08 -16.42
CA ASP A 163 22.89 -23.97 -15.77
C ASP A 163 22.35 -25.39 -15.67
N ASN A 164 21.05 -25.53 -15.44
CA ASN A 164 20.46 -26.86 -15.27
C ASN A 164 20.04 -27.51 -16.57
N PHE A 165 19.51 -26.72 -17.52
CA PHE A 165 18.86 -27.30 -18.69
C PHE A 165 19.39 -26.78 -20.01
N GLY A 166 20.14 -25.67 -20.02
CA GLY A 166 20.70 -25.12 -21.25
C GLY A 166 19.68 -24.32 -22.05
N ILE A 167 19.77 -23.00 -21.99
CA ILE A 167 18.93 -22.17 -22.83
C ILE A 167 19.56 -22.10 -24.23
N ILE A 168 18.88 -22.69 -25.21
CA ILE A 168 19.34 -22.54 -26.59
C ILE A 168 19.07 -21.13 -27.06
N GLU A 169 17.86 -20.66 -26.81
CA GLU A 169 17.44 -19.33 -27.23
C GLU A 169 16.22 -18.97 -26.39
N GLY A 170 16.03 -17.69 -26.17
CA GLY A 170 14.88 -17.26 -25.39
C GLY A 170 14.46 -15.86 -25.75
N LEU A 171 13.19 -15.58 -25.57
CA LEU A 171 12.67 -14.25 -25.78
C LEU A 171 11.83 -13.89 -24.57
N MSE A 172 11.94 -12.64 -24.12
CA MSE A 172 11.19 -12.30 -22.93
C MSE A 172 10.38 -11.04 -23.11
O MSE A 172 10.64 -10.21 -23.97
CB MSE A 172 12.12 -12.17 -21.72
CG MSE A 172 13.26 -11.26 -21.93
SE MSE A 172 12.76 -9.42 -21.47
CE MSE A 172 12.80 -9.54 -19.56
N THR A 173 9.35 -10.94 -22.28
CA THR A 173 8.56 -9.73 -22.15
C THR A 173 8.55 -9.39 -20.67
N THR A 174 8.68 -8.10 -20.34
CA THR A 174 8.29 -7.68 -19.00
C THR A 174 7.01 -6.87 -19.08
N VAL A 175 6.02 -7.27 -18.30
CA VAL A 175 4.81 -6.46 -18.11
C VAL A 175 5.12 -5.58 -16.92
N HIS A 176 5.26 -4.28 -17.17
CA HIS A 176 6.06 -3.42 -16.33
C HIS A 176 5.20 -2.28 -15.80
N ALA A 177 5.36 -2.00 -14.52
CA ALA A 177 4.67 -0.86 -13.90
C ALA A 177 5.00 0.46 -14.60
N THR A 178 4.10 1.43 -14.46
CA THR A 178 4.39 2.80 -14.90
C THR A 178 5.58 3.36 -14.13
N THR A 179 6.42 4.14 -14.80
CA THR A 179 7.53 4.77 -14.11
C THR A 179 7.52 6.28 -14.37
N ALA A 180 8.46 6.94 -13.70
CA ALA A 180 8.56 8.39 -13.74
C ALA A 180 8.85 8.95 -15.12
N THR A 181 9.40 8.15 -16.06
CA THR A 181 9.64 8.70 -17.39
C THR A 181 8.36 8.86 -18.18
N GLN A 182 7.26 8.29 -17.72
CA GLN A 182 6.00 8.33 -18.46
C GLN A 182 5.23 9.62 -18.16
N LYS A 183 4.11 9.79 -18.87
CA LYS A 183 3.29 11.00 -18.83
C LYS A 183 1.89 10.66 -18.34
N THR A 184 1.29 11.60 -17.61
CA THR A 184 -0.04 11.37 -17.02
C THR A 184 -1.14 11.43 -18.07
N VAL A 185 -0.97 12.28 -19.09
CA VAL A 185 -1.86 12.37 -20.25
C VAL A 185 -0.94 12.50 -21.46
N ASP A 186 -1.48 12.26 -22.67
CA ASP A 186 -0.66 12.28 -23.89
C ASP A 186 0.18 13.55 -23.95
N GLY A 187 1.50 13.40 -23.93
CA GLY A 187 2.38 14.54 -23.90
C GLY A 187 3.67 14.30 -24.64
N PRO A 188 4.57 15.29 -24.65
CA PRO A 188 5.73 15.24 -25.54
C PRO A 188 6.79 14.26 -25.05
N SER A 189 7.26 13.42 -25.96
CA SER A 189 8.27 12.43 -25.67
C SER A 189 8.98 12.16 -27.00
N HIS A 190 9.71 13.16 -27.50
CA HIS A 190 10.08 13.10 -28.91
C HIS A 190 11.06 11.98 -29.21
N LYS A 191 11.75 11.43 -28.21
CA LYS A 191 12.67 10.32 -28.42
C LYS A 191 12.02 8.96 -28.17
N ASP A 192 10.76 8.93 -27.74
CA ASP A 192 10.06 7.66 -27.49
C ASP A 192 8.57 8.00 -27.60
N TRP A 193 8.04 7.98 -28.83
CA TRP A 193 6.69 8.50 -29.04
C TRP A 193 5.67 7.71 -28.24
N ARG A 194 5.73 6.38 -28.27
CA ARG A 194 4.73 5.62 -27.50
C ARG A 194 4.79 6.00 -26.02
N GLY A 195 6.00 6.27 -25.51
CA GLY A 195 6.17 6.58 -24.09
C GLY A 195 5.61 7.91 -23.68
N GLY A 196 5.18 8.73 -24.63
CA GLY A 196 4.51 9.95 -24.23
C GLY A 196 3.04 9.79 -24.02
N ARG A 197 2.47 8.66 -24.41
CA ARG A 197 1.03 8.51 -24.34
C ARG A 197 0.59 8.30 -22.88
N GLY A 198 -0.63 8.75 -22.56
CA GLY A 198 -1.12 8.76 -21.18
C GLY A 198 -0.96 7.42 -20.48
N ALA A 199 -0.19 7.40 -19.38
CA ALA A 199 0.22 6.12 -18.79
C ALA A 199 -0.95 5.37 -18.19
N SER A 200 -1.92 6.07 -17.58
CA SER A 200 -3.00 5.38 -16.89
C SER A 200 -4.04 4.81 -17.85
N GLN A 201 -4.01 5.23 -19.11
CA GLN A 201 -5.01 4.84 -20.10
C GLN A 201 -4.58 3.65 -20.93
N ASN A 202 -3.30 3.29 -20.93
CA ASN A 202 -2.74 2.51 -22.03
C ASN A 202 -1.89 1.34 -21.60
N ILE A 203 -1.91 0.29 -22.42
CA ILE A 203 -0.79 -0.65 -22.55
C ILE A 203 0.17 -0.08 -23.59
N ILE A 204 1.44 0.10 -23.20
CA ILE A 204 2.42 0.82 -24.03
C ILE A 204 3.61 -0.07 -24.34
N PRO A 205 3.78 -0.49 -25.59
CA PRO A 205 5.01 -1.23 -25.96
C PRO A 205 6.23 -0.34 -25.74
N SER A 206 7.31 -0.96 -25.25
CA SER A 206 8.52 -0.22 -24.96
CA SER A 206 8.51 -0.26 -24.81
C SER A 206 9.71 -1.14 -25.09
N SER A 207 10.90 -0.55 -25.03
N SER A 207 10.77 -0.53 -25.61
CA SER A 207 12.11 -1.36 -24.95
CA SER A 207 11.98 -1.26 -25.95
C SER A 207 12.52 -1.58 -23.48
C SER A 207 12.82 -1.36 -24.69
N THR A 208 13.29 -2.65 -23.23
N THR A 208 13.52 -2.48 -24.51
CA THR A 208 13.72 -2.95 -21.87
CA THR A 208 14.38 -2.60 -23.34
C THR A 208 15.24 -2.91 -21.77
C THR A 208 15.60 -3.42 -23.71
N GLY A 209 15.75 -2.41 -20.64
N GLY A 209 16.75 -2.95 -23.26
CA GLY A 209 17.19 -2.38 -20.42
CA GLY A 209 17.98 -3.69 -23.42
C GLY A 209 17.79 -3.77 -20.33
C GLY A 209 18.25 -4.73 -22.35
N ALA A 210 16.98 -4.78 -20.01
N ALA A 210 17.29 -5.00 -21.45
CA ALA A 210 17.48 -6.14 -19.85
CA ALA A 210 17.59 -5.79 -20.25
C ALA A 210 17.89 -6.77 -21.18
C ALA A 210 17.96 -7.22 -20.60
N ALA A 211 17.36 -6.29 -22.29
N ALA A 211 17.26 -7.81 -21.56
CA ALA A 211 17.70 -6.92 -23.56
CA ALA A 211 17.54 -9.21 -21.90
C ALA A 211 19.18 -6.74 -23.89
C ALA A 211 18.86 -9.34 -22.63
N LYS A 212 19.76 -5.60 -23.52
N LYS A 212 19.13 -8.46 -23.59
CA LYS A 212 21.20 -5.38 -23.72
CA LYS A 212 20.44 -8.46 -24.22
C LYS A 212 22.04 -5.93 -22.57
C LYS A 212 21.52 -8.22 -23.18
N ALA A 213 21.53 -5.91 -21.34
N ALA A 213 21.24 -7.37 -22.19
CA ALA A 213 22.36 -6.15 -20.17
CA ALA A 213 22.21 -7.01 -21.14
C ALA A 213 22.58 -7.63 -19.84
C ALA A 213 22.45 -8.15 -20.16
N VAL A 214 21.67 -8.52 -20.21
N VAL A 214 21.51 -9.09 -20.02
CA VAL A 214 21.70 -9.87 -19.65
CA VAL A 214 21.89 -10.34 -19.40
C VAL A 214 22.93 -10.65 -20.14
C VAL A 214 23.09 -10.91 -20.15
N GLY A 215 23.27 -10.53 -21.42
CA GLY A 215 24.46 -11.07 -22.05
C GLY A 215 25.75 -10.46 -21.55
N LYS A 216 25.68 -9.31 -20.89
CA LYS A 216 26.87 -8.75 -20.28
C LYS A 216 27.15 -9.36 -18.91
N VAL A 217 26.12 -9.60 -18.08
CA VAL A 217 26.40 -10.24 -16.79
C VAL A 217 26.46 -11.76 -16.90
N LEU A 218 25.88 -12.36 -17.94
CA LEU A 218 26.00 -13.80 -18.20
C LEU A 218 26.49 -13.95 -19.63
N PRO A 219 27.80 -13.85 -19.85
CA PRO A 219 28.32 -13.89 -21.23
C PRO A 219 27.95 -15.17 -21.96
N GLU A 220 27.79 -16.28 -21.27
CA GLU A 220 27.35 -17.53 -21.90
C GLU A 220 25.98 -17.40 -22.56
N LEU A 221 25.18 -16.39 -22.21
CA LEU A 221 23.88 -16.18 -22.84
C LEU A 221 23.89 -15.02 -23.83
N ASN A 222 25.06 -14.44 -24.12
CA ASN A 222 25.06 -13.32 -25.04
C ASN A 222 24.60 -13.78 -26.41
N GLY A 223 23.71 -13.01 -27.03
CA GLY A 223 23.15 -13.37 -28.31
C GLY A 223 22.05 -14.41 -28.25
N LYS A 224 21.78 -14.96 -27.07
CA LYS A 224 20.78 -16.01 -26.95
C LYS A 224 19.45 -15.53 -26.39
N LEU A 225 19.37 -14.29 -25.90
CA LEU A 225 18.16 -13.77 -25.29
C LEU A 225 17.96 -12.33 -25.71
N THR A 226 16.72 -11.97 -25.99
CA THR A 226 16.36 -10.56 -26.08
C THR A 226 14.90 -10.44 -25.70
N GLY A 227 14.35 -9.23 -25.77
CA GLY A 227 12.97 -9.08 -25.37
C GLY A 227 12.53 -7.64 -25.45
N MSE A 228 11.35 -7.41 -24.88
CA MSE A 228 10.69 -6.10 -24.93
C MSE A 228 9.81 -5.93 -23.70
O MSE A 228 9.75 -6.82 -22.86
CB MSE A 228 9.86 -5.94 -26.20
CG MSE A 228 9.07 -7.11 -26.61
SE MSE A 228 7.26 -6.93 -25.92
CE MSE A 228 6.70 -5.13 -26.64
N ALA A 229 9.15 -4.78 -23.59
CA ALA A 229 8.30 -4.47 -22.44
C ALA A 229 6.92 -4.00 -22.88
N PHE A 230 5.95 -4.18 -21.99
CA PHE A 230 4.69 -3.45 -22.07
C PHE A 230 4.53 -2.70 -20.76
N ARG A 231 4.47 -1.37 -20.82
CA ARG A 231 4.14 -0.59 -19.64
C ARG A 231 2.62 -0.57 -19.45
N VAL A 232 2.20 -0.79 -18.21
CA VAL A 232 0.77 -0.88 -17.90
C VAL A 232 0.44 0.02 -16.70
N PRO A 233 -0.87 0.33 -16.48
CA PRO A 233 -1.27 1.29 -15.43
C PRO A 233 -1.27 0.70 -14.02
N THR A 234 -0.10 0.25 -13.56
CA THR A 234 0.10 0.00 -12.13
C THR A 234 1.27 0.86 -11.65
N PRO A 235 1.31 1.20 -10.36
CA PRO A 235 2.34 2.15 -9.90
C PRO A 235 3.68 1.51 -9.52
N ASN A 236 3.73 0.20 -9.35
CA ASN A 236 4.94 -0.49 -8.92
C ASN A 236 4.67 -1.98 -9.01
N VAL A 237 5.76 -2.72 -9.21
CA VAL A 237 5.87 -4.19 -9.37
C VAL A 237 5.68 -4.56 -10.83
N SER A 238 6.55 -5.44 -11.31
CA SER A 238 6.55 -5.85 -12.71
C SER A 238 6.75 -7.36 -12.76
N VAL A 239 6.61 -7.94 -13.95
CA VAL A 239 6.73 -9.39 -14.06
C VAL A 239 7.44 -9.74 -15.35
N VAL A 240 8.42 -10.65 -15.26
CA VAL A 240 9.12 -11.18 -16.43
C VAL A 240 8.39 -12.43 -16.91
N ASP A 241 8.21 -12.51 -18.22
CA ASP A 241 7.53 -13.59 -18.92
C ASP A 241 8.58 -14.10 -19.90
N LEU A 242 9.24 -15.22 -19.57
CA LEU A 242 10.43 -15.69 -20.27
C LEU A 242 10.10 -16.96 -21.04
N THR A 243 10.23 -16.93 -22.36
CA THR A 243 9.93 -18.09 -23.19
C THR A 243 11.24 -18.67 -23.70
N VAL A 244 11.54 -19.92 -23.34
CA VAL A 244 12.85 -20.48 -23.65
C VAL A 244 12.72 -21.84 -24.30
N ARG A 245 13.64 -22.11 -25.22
CA ARG A 245 13.86 -23.43 -25.74
C ARG A 245 15.06 -24.05 -25.03
N LEU A 246 14.88 -25.29 -24.54
CA LEU A 246 15.86 -25.94 -23.68
C LEU A 246 16.65 -27.00 -24.43
N GLU A 247 17.94 -27.05 -24.13
CA GLU A 247 18.80 -28.10 -24.67
C GLU A 247 18.46 -29.47 -24.08
N LYS A 248 18.33 -29.55 -22.76
CA LYS A 248 18.00 -30.77 -22.06
C LYS A 248 16.52 -30.78 -21.72
N ALA A 249 15.86 -31.90 -22.02
CA ALA A 249 14.43 -32.01 -21.71
C ALA A 249 14.19 -31.88 -20.22
N ALA A 250 13.17 -31.12 -19.86
CA ALA A 250 12.81 -30.96 -18.44
C ALA A 250 11.31 -30.78 -18.35
N THR A 251 10.67 -31.61 -17.53
CA THR A 251 9.25 -31.40 -17.26
C THR A 251 9.06 -30.17 -16.40
N TYR A 252 7.82 -29.66 -16.38
CA TYR A 252 7.60 -28.46 -15.59
C TYR A 252 7.86 -28.72 -14.10
N GLU A 253 7.56 -29.93 -13.60
CA GLU A 253 7.88 -30.23 -12.21
C GLU A 253 9.38 -30.26 -11.97
N GLN A 254 10.16 -30.76 -12.95
CA GLN A 254 11.63 -30.74 -12.80
C GLN A 254 12.16 -29.31 -12.81
N ILE A 255 11.57 -28.45 -13.66
CA ILE A 255 11.97 -27.04 -13.67
C ILE A 255 11.63 -26.39 -12.32
N LYS A 256 10.42 -26.62 -11.82
CA LYS A 256 10.06 -26.11 -10.50
C LYS A 256 11.04 -26.54 -9.43
N ALA A 257 11.40 -27.83 -9.42
CA ALA A 257 12.29 -28.33 -8.38
C ALA A 257 13.64 -27.63 -8.42
N ALA A 258 14.15 -27.39 -9.63
CA ALA A 258 15.45 -26.73 -9.77
C ALA A 258 15.40 -25.29 -9.30
N VAL A 259 14.33 -24.57 -9.64
CA VAL A 259 14.22 -23.17 -9.22
C VAL A 259 14.07 -23.10 -7.71
N LYS A 260 13.19 -23.93 -7.15
CA LYS A 260 13.00 -23.95 -5.70
C LYS A 260 14.31 -24.23 -4.98
N ALA A 261 15.09 -25.19 -5.49
CA ALA A 261 16.35 -25.51 -4.85
C ALA A 261 17.29 -24.31 -4.84
N ALA A 262 17.34 -23.55 -5.94
CA ALA A 262 18.19 -22.36 -5.98
C ALA A 262 17.67 -21.29 -5.02
N ALA A 263 16.34 -21.11 -4.98
CA ALA A 263 15.75 -20.11 -4.08
C ALA A 263 15.96 -20.48 -2.62
N GLU A 264 16.01 -21.76 -2.30
CA GLU A 264 16.21 -22.18 -0.92
C GLU A 264 17.67 -22.37 -0.57
N GLY A 265 18.55 -22.39 -1.56
CA GLY A 265 19.96 -22.60 -1.30
C GLY A 265 20.80 -21.42 -1.70
N GLU A 266 21.57 -21.61 -2.77
CA GLU A 266 22.63 -20.67 -3.11
C GLU A 266 22.08 -19.26 -3.36
N MSE A 267 20.90 -19.17 -3.97
CA MSE A 267 20.36 -17.87 -4.36
CA MSE A 267 20.34 -17.88 -4.39
C MSE A 267 19.29 -17.37 -3.40
O MSE A 267 18.47 -16.52 -3.73
CB MSE A 267 19.80 -17.98 -5.79
CB MSE A 267 19.71 -18.00 -5.80
CG MSE A 267 20.85 -18.46 -6.80
CG MSE A 267 20.69 -18.09 -7.01
SE MSE A 267 22.53 -17.45 -6.56
SE MSE A 267 19.69 -17.90 -8.70
CE MSE A 267 23.57 -18.18 -8.05
CE MSE A 267 21.02 -17.85 -10.10
N LYS A 268 19.31 -17.89 -2.16
CA LYS A 268 18.34 -17.44 -1.16
C LYS A 268 18.45 -15.94 -0.94
N GLY A 269 17.28 -15.27 -0.90
CA GLY A 269 17.20 -13.83 -0.76
C GLY A 269 17.33 -13.08 -2.07
N VAL A 270 17.68 -13.76 -3.15
CA VAL A 270 17.75 -13.19 -4.48
C VAL A 270 16.63 -13.74 -5.34
N LEU A 271 16.66 -15.04 -5.59
CA LEU A 271 15.60 -15.77 -6.27
C LEU A 271 14.63 -16.26 -5.20
N GLY A 272 13.34 -16.00 -5.39
CA GLY A 272 12.29 -16.53 -4.56
C GLY A 272 11.46 -17.53 -5.34
N TYR A 273 10.59 -18.23 -4.62
CA TYR A 273 9.80 -19.29 -5.23
C TYR A 273 8.45 -19.35 -4.54
N THR A 274 7.38 -19.32 -5.31
CA THR A 274 6.06 -19.45 -4.71
C THR A 274 5.19 -20.36 -5.56
N GLU A 275 4.25 -21.04 -4.89
CA GLU A 275 3.20 -21.79 -5.56
C GLU A 275 1.83 -21.22 -5.24
N ASP A 276 1.79 -20.03 -4.65
CA ASP A 276 0.53 -19.41 -4.25
C ASP A 276 -0.11 -18.62 -5.40
N ASP A 277 -1.38 -18.26 -5.18
CA ASP A 277 -2.19 -17.56 -6.19
C ASP A 277 -1.95 -16.05 -6.12
N VAL A 278 -0.69 -15.67 -6.42
CA VAL A 278 -0.24 -14.31 -6.16
C VAL A 278 -0.61 -13.37 -7.32
N VAL A 279 -0.66 -12.08 -6.99
CA VAL A 279 -0.82 -11.02 -7.96
C VAL A 279 0.22 -9.95 -7.65
N SER A 280 0.31 -8.94 -8.52
CA SER A 280 1.46 -8.04 -8.42
C SER A 280 1.57 -7.35 -7.06
N THR A 281 0.45 -6.89 -6.48
CA THR A 281 0.57 -6.19 -5.20
C THR A 281 1.11 -7.07 -4.09
N ASP A 282 1.08 -8.40 -4.25
CA ASP A 282 1.66 -9.28 -3.25
C ASP A 282 3.18 -9.17 -3.19
N PHE A 283 3.77 -8.43 -4.13
CA PHE A 283 5.22 -8.21 -4.13
C PHE A 283 5.57 -6.75 -3.94
N ASN A 284 4.61 -5.90 -3.61
CA ASN A 284 4.98 -4.54 -3.24
C ASN A 284 5.75 -4.58 -1.93
N GLY A 285 7.03 -4.22 -1.98
CA GLY A 285 7.92 -4.35 -0.85
C GLY A 285 8.83 -5.57 -0.90
N GLU A 286 8.69 -6.41 -1.92
CA GLU A 286 9.49 -7.62 -2.04
C GLU A 286 10.97 -7.30 -2.18
N VAL A 287 11.79 -7.99 -1.38
CA VAL A 287 13.25 -7.78 -1.44
C VAL A 287 13.94 -8.71 -2.43
N CYS A 288 13.42 -9.92 -2.64
CA CYS A 288 13.97 -10.79 -3.69
C CYS A 288 13.82 -10.11 -5.05
N THR A 289 14.87 -10.18 -5.88
CA THR A 289 14.80 -9.53 -7.18
C THR A 289 14.15 -10.39 -8.25
N SER A 290 13.83 -11.66 -7.96
CA SER A 290 13.20 -12.52 -8.95
C SER A 290 12.39 -13.58 -8.20
N VAL A 291 11.08 -13.45 -8.17
CA VAL A 291 10.26 -14.44 -7.47
C VAL A 291 9.51 -15.28 -8.49
N PHE A 292 9.95 -16.53 -8.63
CA PHE A 292 9.36 -17.47 -9.59
C PHE A 292 7.94 -17.82 -9.17
N ASP A 293 7.01 -17.70 -10.12
CA ASP A 293 5.58 -17.96 -9.91
C ASP A 293 5.29 -19.33 -10.53
N ALA A 294 5.29 -20.38 -9.70
CA ALA A 294 5.20 -21.73 -10.27
C ALA A 294 3.89 -21.94 -11.01
N LYS A 295 2.77 -21.48 -10.45
CA LYS A 295 1.50 -21.79 -11.08
C LYS A 295 1.22 -20.94 -12.32
N ALA A 296 1.91 -19.81 -12.52
CA ALA A 296 1.59 -18.95 -13.65
C ALA A 296 2.23 -19.43 -14.94
N GLY A 297 3.39 -20.08 -14.85
CA GLY A 297 4.10 -20.52 -16.04
C GLY A 297 3.41 -21.71 -16.70
N ILE A 298 3.88 -22.03 -17.91
CA ILE A 298 3.23 -23.10 -18.67
C ILE A 298 4.25 -23.71 -19.62
N ALA A 299 4.26 -25.04 -19.71
CA ALA A 299 5.16 -25.72 -20.63
C ALA A 299 4.34 -26.18 -21.82
N LEU A 300 4.84 -25.91 -23.02
CA LEU A 300 4.26 -26.57 -24.19
C LEU A 300 4.74 -28.00 -24.30
N ASN A 301 6.02 -28.21 -24.03
CA ASN A 301 6.62 -29.54 -24.08
C ASN A 301 7.89 -29.50 -23.25
N ASP A 302 8.59 -30.63 -23.21
CA ASP A 302 9.75 -30.74 -22.34
C ASP A 302 10.92 -29.87 -22.79
N ASN A 303 10.86 -29.23 -23.96
CA ASN A 303 11.95 -28.35 -24.39
C ASN A 303 11.49 -26.93 -24.74
N PHE A 304 10.27 -26.52 -24.37
CA PHE A 304 9.76 -25.20 -24.78
C PHE A 304 8.78 -24.74 -23.72
N VAL A 305 9.13 -23.72 -22.94
CA VAL A 305 8.39 -23.41 -21.73
CA VAL A 305 8.42 -23.40 -21.71
C VAL A 305 8.36 -21.89 -21.53
N LYS A 306 7.29 -21.43 -20.84
CA LYS A 306 7.11 -20.03 -20.46
C LYS A 306 7.21 -19.93 -18.94
N LEU A 307 8.18 -19.15 -18.45
CA LEU A 307 8.44 -19.02 -17.02
C LEU A 307 8.12 -17.60 -16.59
N VAL A 308 7.55 -17.46 -15.40
CA VAL A 308 7.02 -16.19 -14.90
C VAL A 308 7.72 -15.83 -13.60
N SER A 309 8.27 -14.61 -13.50
CA SER A 309 8.95 -14.20 -12.27
C SER A 309 8.66 -12.73 -11.95
N TRP A 310 8.30 -12.48 -10.71
CA TRP A 310 7.89 -11.16 -10.22
C TRP A 310 9.07 -10.38 -9.67
N TYR A 311 8.96 -9.06 -9.72
CA TYR A 311 9.95 -8.20 -9.06
C TYR A 311 9.31 -6.87 -8.68
N ASP A 312 9.62 -6.42 -7.47
CA ASP A 312 9.31 -5.04 -7.10
C ASP A 312 10.42 -4.18 -7.69
N ASN A 313 10.09 -3.45 -8.76
CA ASN A 313 11.16 -2.79 -9.49
CA ASN A 313 11.04 -2.64 -9.52
C ASN A 313 11.83 -1.68 -8.66
N GLU A 314 11.19 -1.18 -7.61
CA GLU A 314 11.83 -0.20 -6.73
C GLU A 314 12.59 -0.89 -5.59
N THR A 315 11.92 -1.78 -4.87
CA THR A 315 12.47 -2.31 -3.63
C THR A 315 13.56 -3.35 -3.86
N GLY A 316 13.33 -4.30 -4.77
CA GLY A 316 14.33 -5.34 -4.97
C GLY A 316 15.62 -4.74 -5.46
N TYR A 317 15.53 -3.93 -6.51
CA TYR A 317 16.69 -3.29 -7.07
C TYR A 317 17.43 -2.45 -6.04
N SER A 318 16.69 -1.65 -5.25
CA SER A 318 17.34 -0.80 -4.25
C SER A 318 18.07 -1.63 -3.20
N ASN A 319 17.48 -2.75 -2.78
CA ASN A 319 18.17 -3.59 -1.84
C ASN A 319 19.42 -4.19 -2.43
N LYS A 320 19.40 -4.50 -3.72
CA LYS A 320 20.60 -5.09 -4.31
C LYS A 320 21.66 -4.04 -4.62
N VAL A 321 21.28 -2.78 -4.80
CA VAL A 321 22.29 -1.71 -4.79
C VAL A 321 23.07 -1.76 -3.49
N LEU A 322 22.35 -1.85 -2.37
CA LEU A 322 23.02 -1.95 -1.08
C LEU A 322 23.84 -3.23 -0.97
N ASP A 323 23.32 -4.35 -1.48
CA ASP A 323 24.13 -5.57 -1.49
C ASP A 323 25.42 -5.38 -2.28
N LEU A 324 25.36 -4.68 -3.42
CA LEU A 324 26.58 -4.47 -4.20
C LEU A 324 27.54 -3.54 -3.47
N ILE A 325 27.01 -2.51 -2.78
CA ILE A 325 27.88 -1.66 -1.96
C ILE A 325 28.63 -2.49 -0.92
N ALA A 326 27.92 -3.38 -0.22
CA ALA A 326 28.56 -4.25 0.75
C ALA A 326 29.55 -5.19 0.09
N HIS A 327 29.19 -5.75 -1.08
CA HIS A 327 30.06 -6.73 -1.73
C HIS A 327 31.38 -6.13 -2.17
N ILE A 328 31.36 -4.92 -2.73
CA ILE A 328 32.61 -4.31 -3.20
C ILE A 328 33.43 -3.75 -2.05
N SER A 329 32.84 -3.64 -0.86
CA SER A 329 33.51 -3.13 0.33
C SER A 329 34.13 -4.23 1.19
N LYS A 330 33.88 -5.50 0.87
CA LYS A 330 34.44 -6.63 1.61
C LYS A 330 35.96 -6.62 1.60
N THR B 1 -10.15 -10.73 28.24
CA THR B 1 -10.29 -10.52 26.82
CA THR B 1 -10.33 -10.38 26.84
C THR B 1 -11.75 -10.69 26.39
N ILE B 2 -12.19 -9.92 25.41
CA ILE B 2 -13.52 -10.09 24.85
C ILE B 2 -13.40 -11.03 23.65
N LYS B 3 -14.17 -12.12 23.66
CA LYS B 3 -14.14 -13.07 22.57
C LYS B 3 -15.14 -12.68 21.51
N VAL B 4 -14.69 -12.59 20.26
CA VAL B 4 -15.51 -12.06 19.18
C VAL B 4 -15.64 -13.10 18.06
N GLY B 5 -16.86 -13.24 17.55
CA GLY B 5 -17.12 -13.99 16.32
C GLY B 5 -17.43 -13.01 15.20
N ILE B 6 -16.84 -13.25 14.04
CA ILE B 6 -17.08 -12.42 12.86
C ILE B 6 -18.02 -13.16 11.94
N ASN B 7 -19.13 -12.53 11.58
CA ASN B 7 -20.04 -13.08 10.57
C ASN B 7 -19.85 -12.29 9.29
N GLY B 8 -19.30 -12.94 8.27
CA GLY B 8 -18.98 -12.25 7.04
C GLY B 8 -17.51 -11.89 6.94
N PHE B 9 -16.83 -12.46 5.95
CA PHE B 9 -15.39 -12.26 5.75
C PHE B 9 -15.11 -11.47 4.47
N GLY B 10 -15.91 -10.40 4.24
CA GLY B 10 -15.64 -9.42 3.20
C GLY B 10 -14.62 -8.40 3.67
N ARG B 11 -14.55 -7.25 2.97
CA ARG B 11 -13.51 -6.29 3.32
C ARG B 11 -13.55 -5.92 4.79
N ILE B 12 -14.74 -5.58 5.31
CA ILE B 12 -14.78 -5.17 6.71
C ILE B 12 -14.42 -6.32 7.64
N GLY B 13 -15.01 -7.50 7.42
CA GLY B 13 -14.69 -8.64 8.28
C GLY B 13 -13.20 -8.95 8.30
N ARG B 14 -12.54 -8.87 7.14
CA ARG B 14 -11.11 -9.19 7.10
C ARG B 14 -10.26 -8.09 7.71
N ILE B 15 -10.64 -6.83 7.57
CA ILE B 15 -9.82 -5.78 8.16
C ILE B 15 -10.09 -5.68 9.66
N VAL B 16 -11.32 -5.96 10.09
CA VAL B 16 -11.58 -6.14 11.52
C VAL B 16 -10.71 -7.26 12.08
N PHE B 17 -10.63 -8.39 11.37
CA PHE B 17 -9.77 -9.47 11.85
C PHE B 17 -8.33 -9.01 12.00
N ARG B 18 -7.76 -8.36 10.98
CA ARG B 18 -6.39 -7.88 11.08
C ARG B 18 -6.23 -6.87 12.21
N ALA B 19 -7.19 -5.95 12.35
CA ALA B 19 -7.07 -4.95 13.40
C ALA B 19 -7.09 -5.61 14.77
N ALA B 20 -7.91 -6.64 14.94
CA ALA B 20 -8.01 -7.31 16.23
C ALA B 20 -6.72 -8.04 16.58
N GLN B 21 -5.92 -8.46 15.58
CA GLN B 21 -4.65 -9.10 15.87
C GLN B 21 -3.71 -8.20 16.65
N LYS B 22 -3.81 -6.88 16.44
CA LYS B 22 -2.90 -5.95 17.07
C LYS B 22 -3.43 -5.44 18.41
N ARG B 23 -4.57 -5.94 18.87
CA ARG B 23 -5.19 -5.49 20.11
CA ARG B 23 -5.19 -5.49 20.11
C ARG B 23 -5.24 -6.62 21.12
N SER B 24 -4.90 -6.30 22.36
CA SER B 24 -4.92 -7.30 23.40
C SER B 24 -6.31 -7.45 24.03
N ASP B 25 -7.18 -6.46 23.90
CA ASP B 25 -8.45 -6.52 24.59
C ASP B 25 -9.49 -7.38 23.87
N ILE B 26 -9.27 -7.72 22.60
CA ILE B 26 -10.25 -8.45 21.82
C ILE B 26 -9.58 -9.60 21.11
N GLU B 27 -10.21 -10.77 21.15
CA GLU B 27 -9.68 -11.97 20.53
C GLU B 27 -10.76 -12.52 19.60
N ILE B 28 -10.43 -12.65 18.31
CA ILE B 28 -11.35 -13.31 17.38
C ILE B 28 -11.22 -14.81 17.58
N VAL B 29 -12.34 -15.48 17.82
CA VAL B 29 -12.32 -16.92 18.07
C VAL B 29 -13.05 -17.71 17.00
N ALA B 30 -13.77 -17.06 16.09
CA ALA B 30 -14.58 -17.78 15.12
C ALA B 30 -14.95 -16.83 13.99
N ILE B 31 -15.04 -17.40 12.78
CA ILE B 31 -15.46 -16.69 11.58
C ILE B 31 -16.50 -17.55 10.88
N ASN B 32 -17.57 -16.93 10.40
CA ASN B 32 -18.58 -17.63 9.62
C ASN B 32 -18.71 -16.96 8.26
N ASP B 33 -18.61 -17.75 7.19
CA ASP B 33 -18.88 -17.27 5.84
C ASP B 33 -19.00 -18.49 4.94
N LEU B 34 -19.55 -18.27 3.74
CA LEU B 34 -19.66 -19.34 2.74
C LEU B 34 -18.41 -19.35 1.86
N LEU B 35 -17.29 -19.55 2.52
CA LEU B 35 -16.00 -19.69 1.86
C LEU B 35 -15.30 -20.84 2.56
N ASP B 36 -14.63 -21.68 1.78
CA ASP B 36 -13.79 -22.70 2.38
C ASP B 36 -12.69 -22.05 3.21
N ALA B 37 -12.24 -22.77 4.24
CA ALA B 37 -11.17 -22.27 5.09
C ALA B 37 -9.90 -21.98 4.30
N ASP B 38 -9.56 -22.81 3.31
CA ASP B 38 -8.32 -22.52 2.60
C ASP B 38 -8.45 -21.25 1.77
N TYR B 39 -9.66 -20.95 1.29
CA TYR B 39 -9.84 -19.69 0.58
C TYR B 39 -9.86 -18.51 1.56
N MSE B 40 -10.48 -18.67 2.73
CA MSE B 40 -10.36 -17.64 3.77
C MSE B 40 -8.91 -17.33 4.11
O MSE B 40 -8.52 -16.18 4.27
CB MSE B 40 -11.06 -18.05 5.06
CG MSE B 40 -12.52 -17.94 5.00
SE MSE B 40 -13.19 -18.37 6.80
CE MSE B 40 -14.87 -18.97 6.10
N ALA B 41 -8.12 -18.38 4.25
CA ALA B 41 -6.72 -18.19 4.56
C ALA B 41 -6.02 -17.38 3.49
N TYR B 42 -6.31 -17.67 2.21
CA TYR B 42 -5.72 -16.90 1.12
C TYR B 42 -6.13 -15.43 1.17
N MSE B 43 -7.42 -15.16 1.42
CA MSE B 43 -7.91 -13.78 1.45
C MSE B 43 -7.34 -13.01 2.62
O MSE B 43 -7.15 -11.79 2.54
CB MSE B 43 -9.44 -13.78 1.52
CG MSE B 43 -10.06 -14.50 0.36
SE MSE B 43 -11.97 -14.21 0.37
CE MSE B 43 -11.96 -12.75 -0.87
N LEU B 44 -7.09 -13.72 3.72
CA LEU B 44 -6.44 -13.11 4.87
C LEU B 44 -4.96 -12.85 4.62
N LYS B 45 -4.27 -13.83 4.01
CA LYS B 45 -2.82 -13.74 3.86
C LYS B 45 -2.40 -12.61 2.94
N TYR B 46 -3.12 -12.41 1.83
CA TYR B 46 -2.71 -11.49 0.78
C TYR B 46 -3.78 -10.42 0.63
N ASP B 47 -3.36 -9.15 0.65
CA ASP B 47 -4.29 -8.04 0.53
C ASP B 47 -3.71 -7.00 -0.40
N SER B 48 -4.44 -6.67 -1.48
CA SER B 48 -3.89 -5.74 -2.44
C SER B 48 -3.67 -4.37 -1.81
N THR B 49 -4.54 -3.96 -0.89
CA THR B 49 -4.46 -2.62 -0.32
C THR B 49 -3.53 -2.56 0.88
N HIS B 50 -3.58 -3.57 1.76
CA HIS B 50 -2.88 -3.49 3.02
C HIS B 50 -1.70 -4.44 3.13
N GLY B 51 -1.35 -5.14 2.05
CA GLY B 51 -0.14 -5.95 2.06
C GLY B 51 -0.35 -7.29 2.75
N ARG B 52 0.76 -7.99 2.93
CA ARG B 52 0.70 -9.34 3.46
C ARG B 52 0.35 -9.32 4.95
N PHE B 53 -0.41 -10.33 5.36
CA PHE B 53 -0.73 -10.49 6.77
C PHE B 53 0.53 -10.63 7.61
N ASP B 54 0.55 -9.92 8.74
CA ASP B 54 1.68 -9.94 9.67
C ASP B 54 1.46 -11.06 10.68
N GLY B 55 1.85 -12.25 10.29
CA GLY B 55 1.64 -13.42 11.12
C GLY B 55 1.54 -14.66 10.26
N THR B 56 1.24 -15.78 10.91
CA THR B 56 1.16 -17.07 10.25
C THR B 56 -0.29 -17.51 10.12
N VAL B 57 -0.61 -18.12 8.99
CA VAL B 57 -1.94 -18.60 8.71
C VAL B 57 -1.82 -20.03 8.23
N GLU B 58 -2.43 -20.95 8.96
CA GLU B 58 -2.47 -22.37 8.62
CA GLU B 58 -2.47 -22.36 8.57
C GLU B 58 -3.93 -22.80 8.48
N VAL B 59 -4.19 -23.81 7.66
CA VAL B 59 -5.49 -24.44 7.58
C VAL B 59 -5.33 -25.86 8.10
N LYS B 60 -6.18 -26.24 9.05
CA LYS B 60 -6.09 -27.58 9.64
C LYS B 60 -7.50 -28.07 9.93
N ASP B 61 -7.87 -29.15 9.27
CA ASP B 61 -9.14 -29.82 9.53
C ASP B 61 -10.33 -28.87 9.32
N GLY B 62 -10.25 -28.07 8.25
CA GLY B 62 -11.31 -27.13 7.92
C GLY B 62 -11.38 -25.87 8.76
N HIS B 63 -10.43 -25.65 9.67
CA HIS B 63 -10.41 -24.46 10.49
C HIS B 63 -9.13 -23.69 10.23
N LEU B 64 -9.10 -22.44 10.68
CA LEU B 64 -7.93 -21.59 10.53
C LEU B 64 -7.09 -21.65 11.79
N ILE B 65 -5.78 -21.68 11.61
CA ILE B 65 -4.85 -21.51 12.71
C ILE B 65 -4.04 -20.25 12.42
N VAL B 66 -4.27 -19.21 13.21
CA VAL B 66 -3.66 -17.91 12.93
C VAL B 66 -2.74 -17.59 14.10
N ASN B 67 -1.45 -17.43 13.80
CA ASN B 67 -0.44 -17.23 14.85
C ASN B 67 -0.60 -18.29 15.93
N GLY B 68 -0.84 -19.53 15.51
CA GLY B 68 -0.94 -20.64 16.42
C GLY B 68 -2.27 -20.79 17.13
N LYS B 69 -3.19 -19.84 17.00
CA LYS B 69 -4.48 -19.91 17.68
C LYS B 69 -5.55 -20.44 16.74
N LYS B 70 -6.37 -21.36 17.24
CA LYS B 70 -7.41 -21.97 16.44
C LYS B 70 -8.60 -21.01 16.31
N ILE B 71 -9.04 -20.78 15.08
CA ILE B 71 -10.24 -19.99 14.82
CA ILE B 71 -10.23 -19.97 14.79
C ILE B 71 -11.28 -20.92 14.21
N ARG B 72 -12.42 -21.04 14.88
CA ARG B 72 -13.46 -21.94 14.38
C ARG B 72 -14.08 -21.36 13.11
N VAL B 73 -14.09 -22.17 12.07
CA VAL B 73 -14.64 -21.78 10.76
C VAL B 73 -15.95 -22.53 10.57
N THR B 74 -17.00 -21.80 10.20
CA THR B 74 -18.31 -22.38 9.90
C THR B 74 -18.84 -21.74 8.62
N ALA B 75 -19.86 -22.37 8.05
CA ALA B 75 -20.47 -21.90 6.82
C ALA B 75 -22.00 -21.96 6.93
N GLU B 76 -22.54 -21.31 7.96
CA GLU B 76 -23.99 -21.32 8.19
C GLU B 76 -24.66 -20.14 7.49
N ARG B 77 -25.71 -20.42 6.74
CA ARG B 77 -26.50 -19.38 6.11
C ARG B 77 -27.47 -18.73 7.09
N ASP B 78 -27.93 -19.47 8.08
CA ASP B 78 -28.87 -19.00 9.07
C ASP B 78 -28.14 -18.75 10.37
N PRO B 79 -27.99 -17.51 10.82
CA PRO B 79 -27.18 -17.26 12.02
C PRO B 79 -27.72 -17.93 13.28
N ALA B 80 -28.99 -18.34 13.29
CA ALA B 80 -29.51 -19.02 14.46
C ALA B 80 -28.82 -20.34 14.73
N ASN B 81 -28.13 -20.92 13.75
CA ASN B 81 -27.43 -22.20 13.90
C ASN B 81 -25.96 -22.05 14.23
N LEU B 82 -25.49 -20.86 14.60
CA LEU B 82 -24.06 -20.63 14.68
C LEU B 82 -23.41 -21.16 15.96
N LYS B 83 -24.18 -21.52 16.98
CA LYS B 83 -23.61 -22.10 18.20
C LYS B 83 -22.46 -21.25 18.74
N TRP B 84 -22.65 -19.93 18.77
CA TRP B 84 -21.59 -19.04 19.22
C TRP B 84 -21.15 -19.37 20.65
N ASP B 85 -22.06 -19.88 21.48
CA ASP B 85 -21.71 -20.20 22.86
C ASP B 85 -20.71 -21.35 22.93
N GLU B 86 -20.65 -22.19 21.91
CA GLU B 86 -19.70 -23.30 21.92
C GLU B 86 -18.26 -22.84 21.81
N VAL B 87 -18.03 -21.60 21.39
CA VAL B 87 -16.69 -21.04 21.37
CA VAL B 87 -16.68 -21.06 21.39
C VAL B 87 -16.59 -19.82 22.29
N GLY B 88 -17.58 -19.67 23.19
CA GLY B 88 -17.56 -18.64 24.20
C GLY B 88 -17.60 -17.22 23.68
N VAL B 89 -18.27 -16.99 22.54
CA VAL B 89 -18.31 -15.67 21.94
C VAL B 89 -19.09 -14.70 22.82
N ASP B 90 -18.47 -13.56 23.13
CA ASP B 90 -19.15 -12.49 23.83
C ASP B 90 -19.95 -11.63 22.87
N VAL B 91 -19.28 -11.12 21.82
CA VAL B 91 -19.86 -10.16 20.89
C VAL B 91 -19.64 -10.65 19.46
N VAL B 92 -20.68 -10.52 18.63
CA VAL B 92 -20.58 -10.82 17.20
C VAL B 92 -20.40 -9.52 16.42
N ALA B 93 -19.37 -9.50 15.57
CA ALA B 93 -19.22 -8.45 14.55
C ALA B 93 -20.03 -8.91 13.34
N GLU B 94 -21.21 -8.30 13.15
CA GLU B 94 -22.12 -8.71 12.10
C GLU B 94 -21.77 -7.91 10.85
N ALA B 95 -21.03 -8.56 9.94
CA ALA B 95 -20.35 -7.89 8.84
C ALA B 95 -20.80 -8.39 7.46
N THR B 96 -21.98 -9.01 7.37
CA THR B 96 -22.44 -9.52 6.08
C THR B 96 -23.22 -8.48 5.27
N GLY B 97 -23.67 -7.40 5.91
CA GLY B 97 -24.57 -6.47 5.27
C GLY B 97 -25.99 -6.97 5.13
N LEU B 98 -26.28 -8.18 5.60
CA LEU B 98 -27.58 -8.80 5.39
C LEU B 98 -28.49 -8.77 6.62
N PHE B 99 -27.97 -8.42 7.79
CA PHE B 99 -28.72 -8.58 9.03
C PHE B 99 -28.66 -7.27 9.80
N LEU B 100 -29.25 -6.23 9.22
CA LEU B 100 -29.16 -4.87 9.74
C LEU B 100 -30.46 -4.43 10.41
N THR B 101 -31.23 -5.39 10.92
CA THR B 101 -32.39 -5.10 11.73
C THR B 101 -32.30 -5.89 13.03
N ASP B 102 -33.09 -5.47 14.01
CA ASP B 102 -33.09 -6.19 15.28
C ASP B 102 -33.43 -7.65 15.08
N GLU B 103 -34.47 -7.94 14.29
CA GLU B 103 -34.95 -9.31 14.16
C GLU B 103 -33.91 -10.23 13.53
N THR B 104 -33.19 -9.74 12.53
CA THR B 104 -32.18 -10.59 11.90
C THR B 104 -30.93 -10.70 12.75
N ALA B 105 -30.43 -9.58 13.29
CA ALA B 105 -29.22 -9.63 14.10
C ALA B 105 -29.43 -10.38 15.40
N ARG B 106 -30.65 -10.39 15.92
CA ARG B 106 -30.90 -11.05 17.19
C ARG B 106 -30.71 -12.56 17.10
N LYS B 107 -30.72 -13.12 15.88
CA LYS B 107 -30.44 -14.55 15.74
C LYS B 107 -29.10 -14.93 16.34
N HIS B 108 -28.13 -14.01 16.31
CA HIS B 108 -26.85 -14.28 16.93
C HIS B 108 -26.98 -14.47 18.44
N ILE B 109 -27.90 -13.74 19.06
CA ILE B 109 -28.07 -13.88 20.50
C ILE B 109 -28.82 -15.17 20.82
N THR B 110 -29.81 -15.51 20.01
CA THR B 110 -30.44 -16.82 20.10
C THR B 110 -29.41 -17.93 19.97
N ALA B 111 -28.42 -17.73 19.11
CA ALA B 111 -27.33 -18.68 18.89
C ALA B 111 -26.25 -18.63 19.96
N GLY B 112 -26.39 -17.80 20.99
CA GLY B 112 -25.53 -17.89 22.15
C GLY B 112 -24.60 -16.72 22.38
N ALA B 113 -24.51 -15.77 21.46
CA ALA B 113 -23.73 -14.57 21.69
C ALA B 113 -24.48 -13.66 22.66
N LYS B 114 -23.73 -12.78 23.32
CA LYS B 114 -24.38 -11.86 24.25
C LYS B 114 -24.82 -10.57 23.58
N LYS B 115 -24.01 -10.03 22.68
CA LYS B 115 -24.31 -8.76 22.03
C LYS B 115 -23.85 -8.82 20.58
N VAL B 116 -24.37 -7.91 19.77
CA VAL B 116 -24.06 -7.85 18.35
C VAL B 116 -23.71 -6.41 18.00
N VAL B 117 -22.63 -6.22 17.24
CA VAL B 117 -22.31 -4.94 16.63
C VAL B 117 -22.47 -5.10 15.12
N MSE B 118 -23.41 -4.36 14.54
CA MSE B 118 -23.55 -4.28 13.09
C MSE B 118 -22.45 -3.41 12.50
O MSE B 118 -22.27 -2.27 12.95
CB MSE B 118 -24.92 -3.71 12.71
CG MSE B 118 -26.12 -4.51 13.20
SE MSE B 118 -27.67 -3.36 12.87
CE MSE B 118 -29.03 -4.56 13.52
N THR B 119 -21.75 -3.89 11.48
CA THR B 119 -20.72 -3.09 10.81
C THR B 119 -21.28 -2.31 9.65
N GLY B 120 -22.46 -1.73 9.83
CA GLY B 120 -23.05 -0.85 8.85
C GLY B 120 -24.25 -0.19 9.49
N PRO B 121 -24.80 0.84 8.85
CA PRO B 121 -25.95 1.54 9.44
C PRO B 121 -27.16 0.62 9.57
N SER B 122 -27.86 0.74 10.69
CA SER B 122 -29.02 -0.12 10.87
C SER B 122 -30.13 0.30 9.91
N LYS B 123 -30.96 -0.66 9.53
CA LYS B 123 -32.10 -0.38 8.67
C LYS B 123 -33.40 -0.19 9.45
N ASP B 124 -33.38 -0.46 10.75
CA ASP B 124 -34.49 -0.11 11.62
C ASP B 124 -34.01 0.89 12.65
N ASN B 125 -34.62 0.93 13.83
CA ASN B 125 -34.23 1.87 14.87
CA ASN B 125 -34.20 1.89 14.84
C ASN B 125 -33.12 1.35 15.77
N THR B 126 -32.44 0.28 15.37
CA THR B 126 -31.28 -0.16 16.14
C THR B 126 -30.34 1.04 16.31
N PRO B 127 -29.90 1.36 17.53
CA PRO B 127 -29.12 2.59 17.75
C PRO B 127 -27.73 2.54 17.13
N MSE B 128 -27.32 3.66 16.55
CA MSE B 128 -25.98 3.80 15.99
C MSE B 128 -25.07 4.60 16.90
O MSE B 128 -25.51 5.56 17.54
CB MSE B 128 -26.05 4.48 14.62
CG MSE B 128 -26.80 3.66 13.61
SE MSE B 128 -26.67 4.49 11.89
CE MSE B 128 -27.88 5.95 12.19
N PHE B 129 -23.80 4.21 16.94
CA PHE B 129 -22.82 4.86 17.78
C PHE B 129 -21.57 5.15 16.97
N VAL B 130 -21.00 6.34 17.20
CA VAL B 130 -19.80 6.81 16.51
C VAL B 130 -18.84 7.33 17.57
N LYS B 131 -17.65 6.74 17.65
CA LYS B 131 -16.71 7.19 18.66
C LYS B 131 -16.34 8.64 18.41
N GLY B 132 -16.31 9.43 19.47
CA GLY B 132 -16.11 10.85 19.35
C GLY B 132 -17.37 11.64 19.10
N ALA B 133 -18.51 10.98 18.93
CA ALA B 133 -19.79 11.67 18.81
C ALA B 133 -20.76 11.24 19.90
N ASN B 134 -20.96 9.92 20.12
CA ASN B 134 -22.00 9.57 21.07
C ASN B 134 -21.81 8.22 21.77
N PHE B 135 -20.58 7.70 21.85
CA PHE B 135 -20.38 6.48 22.63
C PHE B 135 -20.91 6.65 24.04
N ASP B 136 -20.80 7.86 24.61
CA ASP B 136 -21.24 8.04 25.99
C ASP B 136 -22.75 7.94 26.15
N LYS B 137 -23.51 7.90 25.05
CA LYS B 137 -24.96 7.67 25.13
C LYS B 137 -25.34 6.20 25.19
N TYR B 138 -24.39 5.29 24.96
CA TYR B 138 -24.73 3.88 24.97
C TYR B 138 -25.31 3.48 26.32
N ALA B 139 -26.41 2.73 26.29
CA ALA B 139 -27.22 2.50 27.46
C ALA B 139 -27.51 1.02 27.64
N GLY B 140 -26.55 0.17 27.28
CA GLY B 140 -26.65 -1.25 27.61
C GLY B 140 -27.34 -2.11 26.58
N GLN B 141 -27.73 -1.53 25.43
CA GLN B 141 -28.46 -2.29 24.42
C GLN B 141 -27.64 -3.48 23.94
N ASP B 142 -28.33 -4.60 23.68
CA ASP B 142 -27.60 -5.80 23.28
C ASP B 142 -27.33 -5.87 21.78
N ILE B 143 -27.93 -4.99 20.97
CA ILE B 143 -27.65 -4.90 19.55
C ILE B 143 -27.43 -3.45 19.19
N VAL B 144 -26.32 -3.14 18.53
CA VAL B 144 -25.97 -1.77 18.17
C VAL B 144 -25.35 -1.78 16.79
N SER B 145 -25.21 -0.57 16.22
CA SER B 145 -24.60 -0.36 14.90
C SER B 145 -23.48 0.66 15.05
N ASN B 146 -22.38 0.46 14.31
CA ASN B 146 -21.28 1.44 14.29
C ASN B 146 -21.44 2.47 13.18
N ALA B 147 -22.63 2.64 12.63
CA ALA B 147 -22.89 3.57 11.51
C ALA B 147 -22.01 3.13 10.34
N SER B 148 -21.42 4.07 9.60
CA SER B 148 -20.65 3.77 8.40
C SER B 148 -19.37 4.58 8.45
N CYS B 149 -18.44 4.29 7.52
CA CYS B 149 -17.16 4.98 7.53
C CYS B 149 -17.32 6.48 7.35
N THR B 150 -18.17 6.90 6.43
CA THR B 150 -18.28 8.33 6.21
C THR B 150 -18.88 9.02 7.42
N THR B 151 -19.85 8.39 8.08
CA THR B 151 -20.38 9.00 9.29
C THR B 151 -19.31 9.07 10.38
N ASN B 152 -18.42 8.09 10.44
CA ASN B 152 -17.34 8.12 11.42
C ASN B 152 -16.32 9.21 11.12
N CYS B 153 -16.23 9.66 9.86
CA CYS B 153 -15.37 10.80 9.57
C CYS B 153 -16.09 12.12 9.85
N LEU B 154 -17.33 12.23 9.38
CA LEU B 154 -18.05 13.50 9.46
C LEU B 154 -18.42 13.85 10.89
N ALA B 155 -18.93 12.90 11.66
CA ALA B 155 -19.52 13.27 12.94
C ALA B 155 -18.53 13.83 13.96
N PRO B 156 -17.33 13.24 14.13
CA PRO B 156 -16.41 13.84 15.11
C PRO B 156 -16.01 15.26 14.74
N LEU B 157 -15.80 15.52 13.46
CA LEU B 157 -15.45 16.88 13.03
C LEU B 157 -16.62 17.83 13.22
N ALA B 158 -17.82 17.39 12.80
CA ALA B 158 -19.00 18.24 12.94
C ALA B 158 -19.25 18.56 14.41
N LYS B 159 -18.98 17.62 15.31
CA LYS B 159 -19.20 17.87 16.72
C LYS B 159 -18.25 18.95 17.25
N VAL B 160 -16.95 18.89 16.92
CA VAL B 160 -16.02 19.92 17.38
CA VAL B 160 -16.06 19.92 17.42
C VAL B 160 -16.43 21.28 16.84
N ILE B 161 -16.76 21.33 15.54
CA ILE B 161 -17.11 22.61 14.94
C ILE B 161 -18.38 23.16 15.56
N ASN B 162 -19.39 22.31 15.71
CA ASN B 162 -20.64 22.78 16.28
C ASN B 162 -20.47 23.20 17.74
N ASP B 163 -19.75 22.39 18.53
CA ASP B 163 -19.59 22.71 19.95
C ASP B 163 -18.89 24.04 20.14
N ASN B 164 -17.92 24.35 19.28
CA ASN B 164 -17.14 25.58 19.41
C ASN B 164 -17.79 26.79 18.75
N PHE B 165 -18.43 26.62 17.59
CA PHE B 165 -18.82 27.76 16.78
C PHE B 165 -20.29 27.75 16.38
N GLY B 166 -20.99 26.62 16.53
CA GLY B 166 -22.39 26.55 16.18
C GLY B 166 -22.62 26.39 14.68
N ILE B 167 -22.92 25.18 14.23
CA ILE B 167 -23.24 24.97 12.81
C ILE B 167 -24.68 25.43 12.58
N ILE B 168 -24.84 26.49 11.77
CA ILE B 168 -26.19 26.89 11.35
C ILE B 168 -26.74 25.87 10.37
N GLU B 169 -25.94 25.56 9.36
CA GLU B 169 -26.34 24.64 8.31
C GLU B 169 -25.06 24.21 7.62
N GLY B 170 -25.07 23.02 7.04
CA GLY B 170 -23.88 22.56 6.35
C GLY B 170 -24.24 21.55 5.28
N LEU B 171 -23.38 21.47 4.27
CA LEU B 171 -23.53 20.46 3.24
C LEU B 171 -22.19 19.80 3.04
N MSE B 172 -22.19 18.49 2.83
CA MSE B 172 -20.91 17.84 2.65
CA MSE B 172 -20.97 17.69 2.74
C MSE B 172 -20.86 16.98 1.41
O MSE B 172 -21.90 16.56 0.86
CB MSE B 172 -20.56 17.01 3.89
CB MSE B 172 -20.94 16.64 3.86
CG MSE B 172 -21.64 16.06 4.31
CG MSE B 172 -19.66 15.79 3.91
SE MSE B 172 -21.49 14.37 3.41
SE MSE B 172 -20.00 13.86 4.10
CE MSE B 172 -20.26 13.48 4.65
CE MSE B 172 -20.89 13.56 2.39
N THR B 173 -19.64 16.79 0.93
CA THR B 173 -19.36 15.85 -0.15
C THR B 173 -18.30 14.92 0.39
N THR B 174 -18.41 13.62 0.14
CA THR B 174 -17.24 12.76 0.30
C THR B 174 -16.75 12.35 -1.09
N VAL B 175 -15.45 12.57 -1.33
CA VAL B 175 -14.78 12.06 -2.51
C VAL B 175 -14.23 10.71 -2.06
N HIS B 176 -14.80 9.63 -2.58
CA HIS B 176 -14.78 8.35 -1.92
C HIS B 176 -14.13 7.31 -2.82
N ALA B 177 -13.28 6.48 -2.21
CA ALA B 177 -12.64 5.39 -2.93
C ALA B 177 -13.68 4.44 -3.51
N THR B 178 -13.26 3.74 -4.57
CA THR B 178 -14.05 2.64 -5.12
C THR B 178 -14.28 1.56 -4.06
N THR B 179 -15.48 0.96 -4.03
CA THR B 179 -15.71 -0.13 -3.10
C THR B 179 -16.25 -1.37 -3.81
N ALA B 180 -16.43 -2.42 -3.01
CA ALA B 180 -16.82 -3.72 -3.54
C ALA B 180 -18.21 -3.72 -4.20
N THR B 181 -19.07 -2.75 -3.89
CA THR B 181 -20.37 -2.73 -4.56
C THR B 181 -20.29 -2.27 -6.01
N GLN B 182 -19.16 -1.71 -6.45
CA GLN B 182 -19.02 -1.18 -7.79
C GLN B 182 -18.63 -2.27 -8.78
N LYS B 183 -18.56 -1.88 -10.07
CA LYS B 183 -18.29 -2.81 -11.16
CA LYS B 183 -18.28 -2.82 -11.15
C LYS B 183 -17.01 -2.42 -11.87
N THR B 184 -16.28 -3.43 -12.37
CA THR B 184 -15.02 -3.16 -13.06
C THR B 184 -15.23 -2.55 -14.44
N VAL B 185 -16.29 -2.93 -15.13
CA VAL B 185 -16.71 -2.32 -16.39
C VAL B 185 -18.22 -2.16 -16.29
N ASP B 186 -18.80 -1.33 -17.17
CA ASP B 186 -20.23 -1.04 -17.07
C ASP B 186 -21.03 -2.31 -16.93
N GLY B 187 -21.73 -2.48 -15.81
CA GLY B 187 -22.48 -3.69 -15.56
C GLY B 187 -23.74 -3.46 -14.77
N PRO B 188 -24.46 -4.55 -14.46
CA PRO B 188 -25.81 -4.40 -13.91
C PRO B 188 -25.81 -3.98 -12.44
N SER B 189 -26.60 -2.96 -12.13
CA SER B 189 -26.72 -2.40 -10.82
C SER B 189 -28.12 -1.77 -10.78
N HIS B 190 -29.14 -2.64 -10.79
CA HIS B 190 -30.48 -2.14 -11.13
C HIS B 190 -31.06 -1.21 -10.07
N LYS B 191 -30.53 -1.23 -8.85
CA LYS B 191 -31.01 -0.33 -7.80
C LYS B 191 -30.17 0.92 -7.66
N ASP B 192 -29.10 1.05 -8.44
CA ASP B 192 -28.22 2.22 -8.37
C ASP B 192 -27.51 2.28 -9.73
N TRP B 193 -28.17 2.90 -10.70
CA TRP B 193 -27.68 2.80 -12.08
C TRP B 193 -26.28 3.39 -12.22
N ARG B 194 -26.05 4.57 -11.66
CA ARG B 194 -24.72 5.16 -11.79
C ARG B 194 -23.65 4.24 -11.22
N GLY B 195 -23.98 3.52 -10.14
CA GLY B 195 -23.05 2.65 -9.46
C GLY B 195 -22.68 1.41 -10.22
N GLY B 196 -23.34 1.13 -11.35
CA GLY B 196 -22.89 0.02 -12.18
C GLY B 196 -21.84 0.40 -13.18
N ARG B 197 -21.60 1.70 -13.36
CA ARG B 197 -20.69 2.13 -14.42
C ARG B 197 -19.24 1.87 -14.01
N GLY B 198 -18.39 1.62 -15.02
CA GLY B 198 -17.01 1.16 -14.78
C GLY B 198 -16.27 2.01 -13.76
N ALA B 199 -15.87 1.40 -12.65
CA ALA B 199 -15.35 2.20 -11.52
C ALA B 199 -14.03 2.87 -11.84
N SER B 200 -13.14 2.18 -12.57
CA SER B 200 -11.82 2.76 -12.85
C SER B 200 -11.87 3.87 -13.88
N GLN B 201 -12.99 4.03 -14.60
CA GLN B 201 -13.11 4.97 -15.68
C GLN B 201 -13.77 6.29 -15.28
N ASN B 202 -14.42 6.33 -14.13
CA ASN B 202 -15.45 7.34 -13.87
C ASN B 202 -15.33 8.02 -12.52
N ILE B 203 -15.72 9.29 -12.51
CA ILE B 203 -16.24 9.95 -11.31
C ILE B 203 -17.74 9.66 -11.27
N ILE B 204 -18.21 9.09 -10.15
CA ILE B 204 -19.59 8.57 -10.09
C ILE B 204 -20.35 9.22 -8.94
N PRO B 205 -21.31 10.09 -9.21
CA PRO B 205 -22.13 10.63 -8.10
C PRO B 205 -22.90 9.51 -7.43
N SER B 206 -23.03 9.64 -6.10
CA SER B 206 -23.70 8.60 -5.33
CA SER B 206 -23.56 8.57 -5.24
C SER B 206 -24.33 9.21 -4.09
N SER B 207 -25.13 8.40 -3.40
N SER B 207 -25.53 8.74 -3.82
CA SER B 207 -25.63 8.72 -2.07
CA SER B 207 -26.38 9.35 -2.82
C SER B 207 -24.67 8.24 -0.99
C SER B 207 -26.08 8.68 -1.49
N THR B 208 -24.63 8.97 0.14
N THR B 208 -25.79 9.48 -0.47
CA THR B 208 -23.76 8.60 1.26
CA THR B 208 -25.44 8.93 0.83
C THR B 208 -24.59 8.22 2.48
C THR B 208 -26.25 9.63 1.91
N GLY B 209 -24.15 7.16 3.18
N GLY B 209 -26.81 8.84 2.82
CA GLY B 209 -24.82 6.77 4.40
CA GLY B 209 -27.46 9.34 4.00
C GLY B 209 -24.83 7.87 5.45
C GLY B 209 -26.51 9.63 5.14
N ALA B 210 -23.87 8.79 5.38
N ALA B 210 -25.19 9.57 4.89
CA ALA B 210 -23.76 9.84 6.39
CA ALA B 210 -24.25 9.58 6.00
C ALA B 210 -24.92 10.83 6.36
C ALA B 210 -24.15 10.94 6.66
N ALA B 211 -25.57 11.01 5.21
N ALA B 211 -24.43 12.01 5.92
CA ALA B 211 -26.65 12.00 5.14
CA ALA B 211 -24.41 13.32 6.57
C ALA B 211 -27.78 11.63 6.08
C ALA B 211 -25.70 13.57 7.36
N LYS B 212 -28.11 10.33 6.18
N LYS B 212 -26.85 13.25 6.78
CA LYS B 212 -29.16 9.88 7.09
CA LYS B 212 -28.11 13.39 7.50
C LYS B 212 -28.67 9.61 8.51
C LYS B 212 -28.15 12.50 8.72
N ALA B 213 -27.38 9.32 8.70
N ALA B 213 -27.42 11.36 8.66
CA ALA B 213 -26.92 8.88 10.02
CA ALA B 213 -27.30 10.36 9.73
C ALA B 213 -26.43 10.00 10.94
C ALA B 213 -26.36 10.79 10.83
N VAL B 214 -26.02 11.16 10.44
N VAL B 214 -25.52 11.80 10.59
CA VAL B 214 -25.23 12.09 11.27
CA VAL B 214 -24.95 12.52 11.70
C VAL B 214 -26.08 12.76 12.36
C VAL B 214 -26.08 13.02 12.57
N GLY B 215 -27.30 13.17 12.01
CA GLY B 215 -28.34 13.67 12.88
C GLY B 215 -28.87 12.65 13.86
N LYS B 216 -28.60 11.36 13.62
CA LYS B 216 -28.97 10.35 14.61
C LYS B 216 -27.91 10.24 15.71
N VAL B 217 -26.63 10.33 15.35
CA VAL B 217 -25.60 10.28 16.39
CA VAL B 217 -25.54 10.29 16.32
C VAL B 217 -25.34 11.63 17.02
N LEU B 218 -25.75 12.72 16.39
CA LEU B 218 -25.64 14.07 16.95
C LEU B 218 -27.00 14.71 16.74
N PRO B 219 -27.96 14.46 17.64
CA PRO B 219 -29.32 14.97 17.43
C PRO B 219 -29.39 16.49 17.31
N GLU B 220 -28.47 17.20 17.97
CA GLU B 220 -28.45 18.65 17.85
C GLU B 220 -28.21 19.12 16.41
N LEU B 221 -27.70 18.26 15.53
CA LEU B 221 -27.49 18.61 14.13
C LEU B 221 -28.52 18.00 13.20
N ASN B 222 -29.55 17.34 13.72
CA ASN B 222 -30.52 16.75 12.80
C ASN B 222 -31.21 17.84 11.98
N GLY B 223 -31.31 17.61 10.67
CA GLY B 223 -31.89 18.60 9.78
C GLY B 223 -30.97 19.74 9.40
N LYS B 224 -29.76 19.79 9.97
CA LYS B 224 -28.81 20.86 9.70
C LYS B 224 -27.67 20.44 8.77
N LEU B 225 -27.57 19.17 8.43
CA LEU B 225 -26.46 18.65 7.63
CA LEU B 225 -26.47 18.67 7.62
C LEU B 225 -26.99 17.58 6.70
N THR B 226 -26.57 17.63 5.44
CA THR B 226 -26.75 16.48 4.56
C THR B 226 -25.64 16.54 3.53
N GLY B 227 -25.66 15.62 2.57
CA GLY B 227 -24.60 15.67 1.58
C GLY B 227 -24.73 14.55 0.57
N MSE B 228 -23.64 14.35 -0.15
CA MSE B 228 -23.59 13.31 -1.17
CA MSE B 228 -23.57 13.45 -1.30
C MSE B 228 -22.16 12.87 -1.42
O MSE B 228 -21.24 13.31 -0.73
CB MSE B 228 -24.26 13.80 -2.47
CB MSE B 228 -23.95 14.20 -2.58
CG MSE B 228 -23.79 15.14 -2.96
CG MSE B 228 -23.05 15.41 -2.85
SE MSE B 228 -22.12 15.05 -3.97
SE MSE B 228 -23.30 16.22 -4.62
CE MSE B 228 -22.80 14.02 -5.57
CE MSE B 228 -21.67 17.18 -4.79
N ALA B 229 -21.97 11.94 -2.36
CA ALA B 229 -20.64 11.38 -2.60
C ALA B 229 -20.28 11.44 -4.08
N PHE B 230 -18.97 11.43 -4.35
CA PHE B 230 -18.45 11.09 -5.67
C PHE B 230 -17.51 9.92 -5.49
N ARG B 231 -17.82 8.79 -6.11
CA ARG B 231 -16.89 7.66 -6.11
C ARG B 231 -15.84 7.88 -7.20
N VAL B 232 -14.58 7.64 -6.87
CA VAL B 232 -13.49 7.91 -7.83
C VAL B 232 -12.58 6.69 -7.89
N PRO B 233 -11.70 6.62 -8.92
CA PRO B 233 -10.87 5.40 -9.13
C PRO B 233 -9.62 5.33 -8.25
N THR B 234 -9.83 5.28 -6.94
CA THR B 234 -8.78 4.86 -6.03
C THR B 234 -9.29 3.66 -5.23
N PRO B 235 -8.40 2.82 -4.74
CA PRO B 235 -8.86 1.58 -4.11
C PRO B 235 -9.20 1.68 -2.63
N ASN B 236 -8.79 2.76 -1.97
CA ASN B 236 -9.02 2.94 -0.55
C ASN B 236 -8.60 4.36 -0.18
N VAL B 237 -9.21 4.86 0.90
CA VAL B 237 -9.05 6.18 1.51
C VAL B 237 -9.99 7.16 0.82
N SER B 238 -10.71 7.94 1.63
CA SER B 238 -11.72 8.86 1.16
C SER B 238 -11.55 10.18 1.90
N VAL B 239 -12.27 11.22 1.49
CA VAL B 239 -12.10 12.51 2.11
C VAL B 239 -13.43 13.24 2.18
N VAL B 240 -13.73 13.80 3.35
CA VAL B 240 -14.92 14.64 3.57
C VAL B 240 -14.57 16.10 3.28
N ASP B 241 -15.47 16.75 2.55
CA ASP B 241 -15.39 18.15 2.14
C ASP B 241 -16.65 18.77 2.74
N LEU B 242 -16.52 19.46 3.87
CA LEU B 242 -17.66 19.92 4.65
C LEU B 242 -17.77 21.44 4.53
N THR B 243 -18.90 21.93 4.01
CA THR B 243 -19.11 23.37 3.84
C THR B 243 -20.12 23.79 4.89
N VAL B 244 -19.72 24.63 5.84
CA VAL B 244 -20.59 24.99 6.96
CA VAL B 244 -20.59 24.97 6.96
C VAL B 244 -20.66 26.49 7.16
N ARG B 245 -21.83 26.94 7.57
CA ARG B 245 -22.09 28.29 8.06
C ARG B 245 -22.06 28.25 9.57
N LEU B 246 -21.35 29.20 10.18
CA LEU B 246 -21.11 29.24 11.62
C LEU B 246 -21.88 30.36 12.28
N GLU B 247 -22.43 30.07 13.45
CA GLU B 247 -23.11 31.08 14.24
C GLU B 247 -22.11 32.07 14.84
N LYS B 248 -21.05 31.56 15.43
CA LYS B 248 -19.99 32.37 16.01
CA LYS B 248 -20.00 32.38 16.01
C LYS B 248 -18.88 32.60 14.99
N ALA B 249 -18.48 33.86 14.82
CA ALA B 249 -17.39 34.16 13.89
C ALA B 249 -16.12 33.49 14.37
N ALA B 250 -15.40 32.87 13.43
CA ALA B 250 -14.15 32.20 13.78
C ALA B 250 -13.20 32.32 12.61
N THR B 251 -11.99 32.81 12.91
CA THR B 251 -10.95 32.84 11.90
C THR B 251 -10.49 31.42 11.61
N TYR B 252 -9.87 31.24 10.45
CA TYR B 252 -9.41 29.90 10.13
C TYR B 252 -8.38 29.41 11.14
N GLU B 253 -7.56 30.32 11.69
CA GLU B 253 -6.64 29.91 12.74
C GLU B 253 -7.36 29.44 13.99
N GLN B 254 -8.48 30.10 14.34
CA GLN B 254 -9.25 29.65 15.49
C GLN B 254 -9.89 28.29 15.25
N ILE B 255 -10.34 28.03 14.01
CA ILE B 255 -10.88 26.71 13.70
C ILE B 255 -9.80 25.65 13.82
N LYS B 256 -8.63 25.90 13.22
CA LYS B 256 -7.51 24.96 13.35
C LYS B 256 -7.21 24.66 14.82
N ALA B 257 -7.14 25.71 15.65
CA ALA B 257 -6.79 25.52 17.05
C ALA B 257 -7.82 24.66 17.78
N ALA B 258 -9.11 24.86 17.48
CA ALA B 258 -10.13 24.04 18.13
C ALA B 258 -10.04 22.58 17.71
N VAL B 259 -9.82 22.34 16.42
CA VAL B 259 -9.71 20.95 15.96
C VAL B 259 -8.47 20.31 16.55
N LYS B 260 -7.34 21.02 16.52
CA LYS B 260 -6.11 20.50 17.08
C LYS B 260 -6.27 20.17 18.56
N ALA B 261 -6.93 21.05 19.30
CA ALA B 261 -7.13 20.81 20.72
C ALA B 261 -7.96 19.55 20.96
N ALA B 262 -8.99 19.33 20.15
CA ALA B 262 -9.77 18.10 20.31
C ALA B 262 -8.95 16.87 19.94
N ALA B 263 -8.13 16.98 18.88
CA ALA B 263 -7.33 15.86 18.42
C ALA B 263 -6.28 15.45 19.44
N GLU B 264 -5.76 16.41 20.19
CA GLU B 264 -4.73 16.15 21.19
C GLU B 264 -5.31 15.85 22.56
N GLY B 265 -6.60 16.07 22.75
CA GLY B 265 -7.24 15.83 24.03
C GLY B 265 -8.36 14.82 23.96
N GLU B 266 -9.59 15.33 24.07
CA GLU B 266 -10.77 14.48 24.25
C GLU B 266 -10.95 13.45 23.14
N MSE B 267 -10.68 13.83 21.90
CA MSE B 267 -10.92 12.94 20.77
CA MSE B 267 -10.93 12.91 20.80
C MSE B 267 -9.64 12.30 20.25
O MSE B 267 -9.60 11.87 19.10
CB MSE B 267 -11.62 13.70 19.63
CB MSE B 267 -11.71 13.62 19.69
CG MSE B 267 -13.07 14.18 19.92
CG MSE B 267 -13.09 14.12 20.16
SE MSE B 267 -13.85 14.91 18.27
SE MSE B 267 -13.94 12.81 21.34
CE MSE B 267 -15.66 15.36 18.83
CE MSE B 267 -15.58 13.80 21.78
N LYS B 268 -8.61 12.24 21.08
CA LYS B 268 -7.34 11.64 20.68
C LYS B 268 -7.57 10.20 20.20
N GLY B 269 -6.96 9.86 19.06
CA GLY B 269 -7.17 8.56 18.45
C GLY B 269 -8.41 8.44 17.59
N VAL B 270 -9.31 9.41 17.65
CA VAL B 270 -10.49 9.48 16.78
C VAL B 270 -10.29 10.56 15.73
N LEU B 271 -10.20 11.82 16.17
CA LEU B 271 -9.89 12.95 15.33
C LEU B 271 -8.38 13.18 15.31
N GLY B 272 -7.81 13.27 14.11
CA GLY B 272 -6.41 13.62 13.93
C GLY B 272 -6.31 15.01 13.32
N TYR B 273 -5.07 15.52 13.29
CA TYR B 273 -4.84 16.88 12.82
C TYR B 273 -3.50 16.91 12.10
N THR B 274 -3.48 17.44 10.88
CA THR B 274 -2.21 17.59 10.18
C THR B 274 -2.16 18.97 9.50
N GLU B 275 -0.93 19.48 9.36
CA GLU B 275 -0.64 20.67 8.56
C GLU B 275 0.29 20.32 7.40
N ASP B 276 0.48 19.04 7.13
CA ASP B 276 1.40 18.60 6.10
C ASP B 276 0.72 18.54 4.72
N ASP B 277 1.55 18.41 3.69
CA ASP B 277 1.09 18.41 2.30
C ASP B 277 0.63 17.02 1.88
N VAL B 278 -0.42 16.54 2.54
CA VAL B 278 -0.79 15.13 2.43
C VAL B 278 -1.66 14.87 1.20
N VAL B 279 -1.65 13.61 0.77
CA VAL B 279 -2.57 13.11 -0.23
C VAL B 279 -3.18 11.80 0.29
N SER B 280 -4.15 11.26 -0.45
CA SER B 280 -4.94 10.15 0.08
C SER B 280 -4.08 8.95 0.52
N THR B 281 -3.07 8.57 -0.27
CA THR B 281 -2.30 7.39 0.13
C THR B 281 -1.58 7.58 1.47
N ASP B 282 -1.42 8.84 1.93
CA ASP B 282 -0.79 9.06 3.22
C ASP B 282 -1.66 8.60 4.38
N PHE B 283 -2.89 8.18 4.10
CA PHE B 283 -3.78 7.67 5.14
C PHE B 283 -4.16 6.23 4.89
N ASN B 284 -3.50 5.54 3.97
CA ASN B 284 -3.70 4.11 3.85
C ASN B 284 -3.13 3.45 5.11
N GLY B 285 -4.02 2.86 5.91
CA GLY B 285 -3.66 2.30 7.20
C GLY B 285 -3.99 3.17 8.38
N GLU B 286 -4.55 4.36 8.15
CA GLU B 286 -4.88 5.31 9.23
C GLU B 286 -5.95 4.76 10.16
N VAL B 287 -5.67 4.80 11.47
CA VAL B 287 -6.63 4.33 12.48
C VAL B 287 -7.58 5.43 12.94
N CYS B 288 -7.14 6.68 12.95
CA CYS B 288 -8.07 7.79 13.24
C CYS B 288 -9.16 7.81 12.19
N THR B 289 -10.42 8.01 12.63
CA THR B 289 -11.54 8.01 11.70
C THR B 289 -11.79 9.35 11.05
N SER B 290 -11.08 10.40 11.46
CA SER B 290 -11.27 11.71 10.87
C SER B 290 -9.97 12.48 11.05
N VAL B 291 -9.19 12.67 9.98
CA VAL B 291 -7.94 13.43 10.09
C VAL B 291 -8.10 14.77 9.38
N PHE B 292 -8.19 15.85 10.17
CA PHE B 292 -8.38 17.19 9.64
C PHE B 292 -7.14 17.67 8.88
N ASP B 293 -7.37 18.16 7.66
CA ASP B 293 -6.31 18.62 6.77
C ASP B 293 -6.31 20.14 6.80
N ALA B 294 -5.43 20.73 7.63
CA ALA B 294 -5.51 22.16 7.87
C ALA B 294 -5.23 22.97 6.60
N LYS B 295 -4.23 22.58 5.83
CA LYS B 295 -3.87 23.41 4.69
C LYS B 295 -4.86 23.28 3.53
N ALA B 296 -5.65 22.19 3.50
CA ALA B 296 -6.53 21.97 2.35
C ALA B 296 -7.81 22.79 2.42
N GLY B 297 -8.30 23.11 3.63
CA GLY B 297 -9.54 23.85 3.80
C GLY B 297 -9.41 25.29 3.39
N ILE B 298 -10.55 25.98 3.30
CA ILE B 298 -10.52 27.37 2.84
C ILE B 298 -11.71 28.08 3.45
N ALA B 299 -11.50 29.30 3.92
CA ALA B 299 -12.58 30.11 4.47
C ALA B 299 -12.93 31.19 3.47
N LEU B 300 -14.22 31.38 3.21
CA LEU B 300 -14.62 32.58 2.49
C LEU B 300 -14.62 33.77 3.43
N ASN B 301 -15.08 33.56 4.65
CA ASN B 301 -15.15 34.60 5.66
C ASN B 301 -15.26 33.92 7.01
N ASP B 302 -15.40 34.72 8.06
CA ASP B 302 -15.38 34.20 9.42
C ASP B 302 -16.60 33.35 9.76
N ASN B 303 -17.60 33.28 8.89
CA ASN B 303 -18.77 32.46 9.19
C ASN B 303 -19.11 31.46 8.09
N PHE B 304 -18.21 31.23 7.13
CA PHE B 304 -18.53 30.34 6.01
C PHE B 304 -17.23 29.71 5.54
N VAL B 305 -17.09 28.40 5.77
CA VAL B 305 -15.80 27.74 5.60
CA VAL B 305 -15.79 27.72 5.63
C VAL B 305 -16.00 26.35 5.00
N LYS B 306 -14.95 25.87 4.33
CA LYS B 306 -14.90 24.53 3.76
C LYS B 306 -13.79 23.78 4.50
N LEU B 307 -14.15 22.69 5.16
CA LEU B 307 -13.21 21.91 5.97
C LEU B 307 -13.00 20.54 5.35
N VAL B 308 -11.77 20.03 5.44
CA VAL B 308 -11.34 18.81 4.75
C VAL B 308 -10.82 17.81 5.78
N SER B 309 -11.37 16.59 5.74
CA SER B 309 -10.93 15.56 6.68
C SER B 309 -10.84 14.20 6.00
N TRP B 310 -9.71 13.53 6.20
CA TRP B 310 -9.40 12.26 5.57
C TRP B 310 -9.86 11.08 6.40
N TYR B 311 -10.11 9.95 5.73
CA TYR B 311 -10.38 8.71 6.45
C TYR B 311 -10.02 7.51 5.59
N ASP B 312 -9.39 6.52 6.23
CA ASP B 312 -9.21 5.22 5.59
C ASP B 312 -10.51 4.48 5.81
N ASN B 313 -11.34 4.43 4.76
CA ASN B 313 -12.69 3.89 4.92
C ASN B 313 -12.68 2.42 5.33
N GLU B 314 -11.56 1.70 5.13
CA GLU B 314 -11.47 0.34 5.64
C GLU B 314 -10.89 0.29 7.07
N THR B 315 -9.73 0.89 7.28
CA THR B 315 -9.00 0.69 8.54
C THR B 315 -9.62 1.45 9.70
N GLY B 316 -9.98 2.72 9.47
CA GLY B 316 -10.51 3.50 10.59
C GLY B 316 -11.80 2.91 11.12
N TYR B 317 -12.75 2.68 10.21
CA TYR B 317 -14.03 2.10 10.59
C TYR B 317 -13.85 0.74 11.27
N SER B 318 -12.99 -0.14 10.73
CA SER B 318 -12.80 -1.44 11.35
C SER B 318 -12.27 -1.32 12.77
N ASN B 319 -11.32 -0.41 12.99
CA ASN B 319 -10.82 -0.22 14.34
C ASN B 319 -11.91 0.31 15.26
N LYS B 320 -12.82 1.14 14.75
CA LYS B 320 -13.85 1.65 15.64
C LYS B 320 -14.97 0.65 15.87
N VAL B 321 -15.16 -0.32 14.95
CA VAL B 321 -16.00 -1.47 15.27
C VAL B 321 -15.46 -2.17 16.51
N LEU B 322 -14.14 -2.40 16.54
CA LEU B 322 -13.56 -3.01 17.72
C LEU B 322 -13.71 -2.12 18.95
N ASP B 323 -13.56 -0.80 18.78
CA ASP B 323 -13.76 0.10 19.91
C ASP B 323 -15.18 0.01 20.44
N LEU B 324 -16.17 -0.10 19.53
CA LEU B 324 -17.55 -0.22 19.98
C LEU B 324 -17.76 -1.55 20.70
N ILE B 325 -17.14 -2.62 20.19
CA ILE B 325 -17.24 -3.91 20.88
C ILE B 325 -16.71 -3.79 22.31
N ALA B 326 -15.55 -3.15 22.46
CA ALA B 326 -14.99 -2.97 23.80
C ALA B 326 -15.88 -2.08 24.66
N HIS B 327 -16.43 -1.02 24.07
CA HIS B 327 -17.24 -0.09 24.86
C HIS B 327 -18.50 -0.75 25.40
N ILE B 328 -19.20 -1.54 24.57
CA ILE B 328 -20.44 -2.13 25.04
C ILE B 328 -20.19 -3.28 25.98
N SER B 329 -18.94 -3.75 26.08
CA SER B 329 -18.60 -4.82 26.99
C SER B 329 -18.14 -4.34 28.35
N LYS B 330 -17.93 -3.03 28.52
CA LYS B 330 -17.51 -2.49 29.82
C LYS B 330 -18.53 -2.82 30.90
C1 GLC C . 11.25 6.75 -31.30
C2 GLC C . 12.53 5.95 -31.04
C3 GLC C . 12.28 4.46 -31.19
C4 GLC C . 11.13 4.05 -30.29
C5 GLC C . 9.89 4.89 -30.57
C6 GLC C . 8.76 4.52 -29.63
O2 GLC C . 13.58 6.36 -31.94
O3 GLC C . 13.45 3.72 -30.83
O4 GLC C . 10.85 2.65 -30.49
O5 GLC C . 10.16 6.31 -30.47
O6 GLC C . 7.60 5.22 -30.06
C1 GLC C . 9.90 7.65 -33.02
C2 GLC C . 9.32 7.38 -34.40
C3 GLC C . 10.36 7.59 -35.49
C4 GLC C . 11.00 8.96 -35.34
C5 GLC C . 11.53 9.17 -33.94
C6 GLC C . 12.08 10.58 -33.75
O1 GLC C . 10.89 6.67 -32.69
O2 GLC C . 8.86 6.02 -34.45
O3 GLC C . 9.74 7.46 -36.78
O4 GLC C . 12.08 9.08 -36.28
O5 GLC C . 10.49 8.96 -32.97
O6 GLC C . 12.68 10.69 -32.45
C1 GLC D . -31.62 4.25 -8.85
C2 GLC D . -31.94 4.52 -7.38
C3 GLC D . -31.58 5.95 -6.99
C4 GLC D . -30.12 6.23 -7.32
C5 GLC D . -29.87 5.92 -8.79
C6 GLC D . -28.38 6.09 -9.16
O2 GLC D . -33.32 4.26 -7.10
O3 GLC D . -31.78 6.13 -5.59
O4 GLC D . -29.84 7.61 -7.04
O5 GLC D . -30.26 4.59 -9.16
O6 GLC D . -28.31 5.94 -10.57
C1 GLC D . -32.43 4.48 -11.06
C2 GLC D . -33.14 5.44 -12.00
C3 GLC D . -34.63 5.47 -11.69
C4 GLC D . -35.20 4.06 -11.76
C5 GLC D . -34.44 3.18 -10.79
C6 GLC D . -34.97 1.75 -10.81
O1 GLC D . -32.49 4.97 -9.72
O2 GLC D . -32.61 6.75 -11.81
O3 GLC D . -35.30 6.34 -12.61
O4 GLC D . -36.57 4.06 -11.40
O5 GLC D . -33.04 3.18 -11.12
O6 GLC D . -34.37 1.04 -9.72
NA NA E . 11.85 10.61 -23.99
O1 G3P F . 24.30 -14.86 -3.52
C1 G3P F . 25.35 -15.75 -3.14
C2 G3P F . 26.34 -15.94 -4.28
O2 G3P F . 26.56 -17.33 -4.49
C3 G3P F . 25.86 -15.27 -5.58
O1P G3P F . 26.89 -15.28 -6.58
O4P G3P F . 25.69 -15.80 -8.74
O2P G3P F . 27.95 -14.74 -8.75
O3P G3P F . 25.93 -13.43 -7.89
P G3P F . 26.60 -14.77 -8.10
C ACT G . 35.34 2.49 -21.79
O ACT G . 36.38 1.81 -21.74
OXT ACT G . 34.23 2.09 -21.39
CH3 ACT G . 35.42 3.89 -22.40
O1 G3P H . -13.32 8.22 25.96
C1 G3P H . -13.63 8.94 24.75
C2 G3P H . -15.01 9.57 24.90
O2 G3P H . -14.84 10.94 25.31
C3 G3P H . -15.76 9.56 23.58
O1P G3P H . -17.13 9.89 23.82
O4P G3P H . -17.87 11.55 22.11
O2P G3P H . -17.93 9.03 21.67
O3P G3P H . -19.51 10.10 23.35
P G3P H . -18.19 10.17 22.63
#